data_2YJG
#
_entry.id   2YJG
#
_cell.length_a   78.410
_cell.length_b   223.250
_cell.length_c   46.140
_cell.angle_alpha   90.00
_cell.angle_beta   90.00
_cell.angle_gamma   90.00
#
_symmetry.space_group_name_H-M   'P 21 21 2'
#
loop_
_entity.id
_entity.type
_entity.pdbx_description
1 polymer 'LACTATE RACEMASE APOPROTEIN'
2 non-polymer 'MAGNESIUM ION'
3 non-polymer 'SULFATE ION'
4 non-polymer 1,2-ETHANEDIOL
5 water water
#
_entity_poly.entity_id   1
_entity_poly.type   'polypeptide(L)'
_entity_poly.pdbx_seq_one_letter_code
;MANIEIPYGKSKLAFDLPDERIQGILRSKAGSYKVNMSEEDIVKRALENPIGTKRLQDLAEGKKNIVIITSDHTRPVPSR
ITLPLLLDEIRKKNKSANVKILIATGFHRGTTLQEMKAKFGEDLVENEQFVVHDSRNSENMELIGTLPSGGKLEINKLAV
EADLLVAEGFIEPHFFAGFSGGRKSILPGIASVQCILANHCSEFIKNPYARTGVLENNPIHRDMIYAAKKANLAFILNVV
IDSSHKIVNAFAGHSEKAHLKGCEFVSEIATVNAKPADIVITSNGGYPLDQNIYQSVKGMTAGEAACKDGGVIIIAAECA
DGHGGEGFYRWFKESKDPQDVMNKILSRGRDETLPDQWEAQILARILINHKVIMVTDSKNYEYVKDMFMTPAKDLGEALK
IAESIVNNDSKINVIPDGVSVIVREKASWSHPQFEK
;
_entity_poly.pdbx_strand_id   A,B
#
# COMPACT_ATOMS: atom_id res chain seq x y z
N ALA A 2 28.61 14.51 39.21
CA ALA A 2 27.31 14.01 38.76
C ALA A 2 27.57 12.85 37.76
N ASN A 3 26.75 11.78 37.83
CA ASN A 3 26.82 10.74 36.80
C ASN A 3 25.82 11.13 35.73
N ILE A 4 26.33 11.63 34.61
CA ILE A 4 25.46 12.18 33.57
C ILE A 4 25.28 11.12 32.46
N GLU A 5 24.05 10.90 32.01
CA GLU A 5 23.77 10.01 30.91
C GLU A 5 23.49 10.88 29.67
N ILE A 6 24.28 10.63 28.63
CA ILE A 6 24.27 11.39 27.34
C ILE A 6 23.90 10.43 26.20
N PRO A 7 22.78 10.66 25.54
CA PRO A 7 22.22 9.89 24.45
C PRO A 7 23.24 9.82 23.33
N TYR A 8 23.40 8.66 22.74
CA TYR A 8 24.49 8.40 21.78
C TYR A 8 24.17 7.11 21.08
N GLY A 9 23.89 7.21 19.79
CA GLY A 9 23.59 6.08 19.00
C GLY A 9 22.44 5.35 19.63
N LYS A 10 22.57 4.03 19.73
CA LYS A 10 21.54 3.21 20.30
C LYS A 10 21.72 2.95 21.80
N SER A 11 22.57 3.73 22.44
CA SER A 11 22.89 3.61 23.83
C SER A 11 22.90 4.98 24.48
N LYS A 12 23.50 5.03 25.66
CA LYS A 12 23.86 6.27 26.25
C LYS A 12 25.31 6.17 26.63
N LEU A 13 25.99 7.29 26.67
CA LEU A 13 27.28 7.32 27.32
C LEU A 13 27.09 7.73 28.76
N ALA A 14 27.86 7.06 29.65
CA ALA A 14 27.94 7.38 31.08
C ALA A 14 29.24 8.09 31.35
N PHE A 15 29.07 9.24 31.98
CA PHE A 15 30.19 10.09 32.23
C PHE A 15 30.07 10.59 33.65
N ASP A 16 31.11 10.37 34.44
CA ASP A 16 31.20 10.95 35.77
C ASP A 16 31.87 12.29 35.69
N LEU A 17 31.13 13.37 35.92
CA LEU A 17 31.71 14.72 35.86
C LEU A 17 31.59 15.38 37.24
N PRO A 18 32.71 15.77 37.84
CA PRO A 18 32.62 16.28 39.20
C PRO A 18 31.73 17.52 39.35
N ASP A 19 30.85 17.48 40.35
CA ASP A 19 29.87 18.54 40.53
C ASP A 19 30.49 19.95 40.55
N GLU A 20 31.69 20.09 41.11
CA GLU A 20 32.33 21.41 41.24
C GLU A 20 32.66 22.06 39.88
N ARG A 21 32.79 21.22 38.86
CA ARG A 21 32.98 21.63 37.45
C ARG A 21 31.71 22.02 36.69
N ILE A 22 30.51 21.90 37.30
CA ILE A 22 29.24 22.05 36.60
C ILE A 22 28.60 23.38 36.86
N GLN A 23 28.35 24.12 35.80
CA GLN A 23 27.59 25.32 35.91
C GLN A 23 26.18 24.87 36.20
N GLY A 24 25.56 24.28 35.20
CA GLY A 24 24.21 23.82 35.29
C GLY A 24 24.06 22.59 34.38
N ILE A 25 23.05 21.79 34.66
CA ILE A 25 22.69 20.64 33.81
C ILE A 25 21.36 21.02 33.25
N LEU A 26 21.31 21.34 31.97
CA LEU A 26 20.11 21.99 31.42
C LEU A 26 19.29 20.97 30.65
N ARG A 27 18.11 20.66 31.16
CA ARG A 27 17.24 19.67 30.58
C ARG A 27 15.88 20.25 30.40
N SER A 28 15.30 19.85 29.29
CA SER A 28 13.93 20.04 29.01
C SER A 28 13.07 19.37 30.10
N LYS A 29 11.88 19.93 30.30
CA LYS A 29 10.90 19.34 31.22
C LYS A 29 10.55 17.94 30.74
N MET A 37 -5.09 10.39 29.98
CA MET A 37 -5.82 10.39 28.70
C MET A 37 -5.13 9.54 27.65
N SER A 38 -5.90 8.80 26.87
CA SER A 38 -5.34 8.08 25.75
C SER A 38 -4.87 9.11 24.71
N GLU A 39 -4.00 8.65 23.81
CA GLU A 39 -3.58 9.47 22.67
C GLU A 39 -4.78 9.89 21.85
N GLU A 40 -5.73 8.97 21.69
CA GLU A 40 -6.87 9.23 20.85
C GLU A 40 -7.72 10.34 21.47
N ASP A 41 -7.96 10.27 22.80
CA ASP A 41 -8.71 11.27 23.48
C ASP A 41 -8.04 12.62 23.49
N ILE A 42 -6.72 12.66 23.47
CA ILE A 42 -6.04 13.97 23.42
C ILE A 42 -6.35 14.61 22.09
N VAL A 43 -6.25 13.82 21.02
CA VAL A 43 -6.56 14.28 19.68
C VAL A 43 -8.03 14.75 19.55
N LYS A 44 -9.00 13.94 19.98
CA LYS A 44 -10.40 14.34 19.91
C LYS A 44 -10.69 15.64 20.69
N ARG A 45 -10.10 15.77 21.86
CA ARG A 45 -10.24 17.02 22.63
C ARG A 45 -9.84 18.22 21.79
N ALA A 46 -8.69 18.13 21.13
CA ALA A 46 -8.24 19.20 20.24
C ALA A 46 -9.27 19.49 19.18
N LEU A 47 -9.67 18.44 18.46
CA LEU A 47 -10.63 18.58 17.39
C LEU A 47 -11.96 19.16 17.91
N GLU A 48 -12.36 18.75 19.11
CA GLU A 48 -13.64 19.22 19.66
C GLU A 48 -13.55 20.68 20.20
N ASN A 49 -12.34 21.25 20.27
CA ASN A 49 -12.08 22.56 20.89
C ASN A 49 -11.10 23.32 20.00
N PRO A 50 -11.53 23.62 18.74
CA PRO A 50 -10.66 24.26 17.80
C PRO A 50 -10.28 25.68 18.25
N ILE A 51 -9.06 26.06 17.97
CA ILE A 51 -8.55 27.38 18.30
C ILE A 51 -8.68 28.31 17.11
N GLY A 52 -9.61 29.26 17.16
CA GLY A 52 -9.64 30.29 16.11
C GLY A 52 -10.45 29.95 14.84
N THR A 53 -11.13 28.82 14.83
CA THR A 53 -12.04 28.38 13.75
C THR A 53 -13.18 27.56 14.25
N LYS A 54 -14.15 27.37 13.35
CA LYS A 54 -15.17 26.37 13.55
C LYS A 54 -14.51 24.99 13.59
N ARG A 55 -15.25 24.03 14.12
CA ARG A 55 -14.83 22.62 14.00
C ARG A 55 -14.68 22.21 12.56
N LEU A 56 -13.77 21.27 12.36
CA LEU A 56 -13.51 20.72 11.04
C LEU A 56 -14.79 20.11 10.47
N GLN A 57 -15.60 19.44 11.26
CA GLN A 57 -16.89 18.90 10.76
C GLN A 57 -17.74 19.97 10.05
N ASP A 58 -17.77 21.16 10.63
CA ASP A 58 -18.53 22.29 10.08
C ASP A 58 -17.88 22.89 8.88
N LEU A 59 -16.56 23.02 8.92
CA LEU A 59 -15.85 23.50 7.75
C LEU A 59 -15.97 22.60 6.52
N ALA A 60 -16.06 21.28 6.76
CA ALA A 60 -16.08 20.27 5.71
C ALA A 60 -17.50 20.03 5.15
N GLU A 61 -18.51 20.48 5.87
CA GLU A 61 -19.88 20.31 5.41
C GLU A 61 -20.12 20.95 4.04
N GLY A 62 -20.70 20.17 3.12
CA GLY A 62 -20.99 20.57 1.76
C GLY A 62 -19.79 20.75 0.82
N LYS A 63 -18.59 20.37 1.25
CA LYS A 63 -17.41 20.51 0.40
C LYS A 63 -17.24 19.25 -0.43
N LYS A 64 -16.76 19.35 -1.67
CA LYS A 64 -16.65 18.12 -2.50
C LYS A 64 -15.24 17.72 -2.91
N ASN A 65 -14.22 18.39 -2.40
CA ASN A 65 -12.87 18.05 -2.78
C ASN A 65 -12.03 18.55 -1.65
N ILE A 66 -11.86 17.70 -0.66
CA ILE A 66 -11.01 17.98 0.51
C ILE A 66 -9.62 17.36 0.40
N VAL A 67 -8.61 18.11 0.81
CA VAL A 67 -7.23 17.62 0.79
C VAL A 67 -6.72 17.77 2.23
N ILE A 68 -6.20 16.67 2.78
CA ILE A 68 -5.45 16.72 4.04
C ILE A 68 -3.96 16.54 3.73
N ILE A 69 -3.14 17.50 4.16
CA ILE A 69 -1.69 17.38 3.97
C ILE A 69 -1.17 16.65 5.20
N THR A 70 -0.34 15.62 4.96
CA THR A 70 0.29 14.88 6.02
C THR A 70 1.78 14.86 5.78
N SER A 71 2.53 14.55 6.84
CA SER A 71 3.96 14.45 6.77
C SER A 71 4.47 13.13 6.15
N ASP A 72 5.73 13.14 5.78
CA ASP A 72 6.29 11.99 5.11
C ASP A 72 6.88 10.95 6.03
N HIS A 73 7.28 9.82 5.43
CA HIS A 73 7.95 8.69 6.11
C HIS A 73 9.15 9.10 6.96
N THR A 74 9.80 10.22 6.67
CA THR A 74 10.90 10.72 7.50
C THR A 74 10.48 11.47 8.81
N ARG A 75 9.20 11.80 8.98
CA ARG A 75 8.78 12.58 10.14
C ARG A 75 8.04 11.64 11.07
N PRO A 76 8.13 11.89 12.38
CA PRO A 76 7.48 10.99 13.36
C PRO A 76 6.00 11.22 13.64
N VAL A 77 5.27 11.86 12.73
CA VAL A 77 3.84 12.08 12.93
C VAL A 77 3.10 10.72 13.09
N PRO A 78 2.36 10.56 14.19
CA PRO A 78 1.69 9.31 14.48
C PRO A 78 0.38 9.20 13.72
N SER A 79 0.49 9.11 12.39
CA SER A 79 -0.71 9.23 11.56
C SER A 79 -1.69 8.08 11.64
N ARG A 80 -1.26 6.89 12.07
CA ARG A 80 -2.22 5.82 12.30
C ARG A 80 -3.29 6.24 13.32
N ILE A 81 -2.95 7.16 14.20
CA ILE A 81 -3.88 7.62 15.20
C ILE A 81 -4.64 8.84 14.69
N THR A 82 -3.90 9.79 14.13
CA THR A 82 -4.46 11.10 13.81
C THR A 82 -5.32 11.13 12.54
N LEU A 83 -4.88 10.45 11.48
CA LEU A 83 -5.66 10.47 10.23
C LEU A 83 -7.09 9.90 10.33
N PRO A 84 -7.29 8.72 11.01
CA PRO A 84 -8.67 8.28 11.13
C PRO A 84 -9.58 9.25 11.86
N LEU A 85 -9.02 9.94 12.84
CA LEU A 85 -9.83 10.87 13.64
C LEU A 85 -10.12 12.12 12.85
N LEU A 86 -9.15 12.55 12.02
CA LEU A 86 -9.47 13.66 11.10
C LEU A 86 -10.51 13.30 10.03
N LEU A 87 -10.35 12.11 9.46
CA LEU A 87 -11.29 11.62 8.42
C LEU A 87 -12.69 11.42 9.00
N ASP A 88 -12.78 10.90 10.20
CA ASP A 88 -14.09 10.73 10.86
C ASP A 88 -14.73 12.09 11.09
N GLU A 89 -13.96 13.05 11.62
CA GLU A 89 -14.42 14.43 11.84
C GLU A 89 -14.93 15.10 10.56
N ILE A 90 -14.12 15.05 9.50
CA ILE A 90 -14.53 15.45 8.17
C ILE A 90 -15.87 14.83 7.72
N ARG A 91 -16.11 13.58 8.05
CA ARG A 91 -17.26 12.82 7.52
C ARG A 91 -18.51 13.00 8.36
N LYS A 92 -18.34 13.60 9.54
CA LYS A 92 -19.45 13.70 10.49
C LYS A 92 -20.66 14.41 9.87
N LYS A 93 -20.43 15.46 9.10
CA LYS A 93 -21.53 16.15 8.48
C LYS A 93 -21.41 16.10 6.94
N ASN A 94 -20.63 15.13 6.42
CA ASN A 94 -20.33 14.98 5.00
C ASN A 94 -19.86 13.53 4.70
N LYS A 95 -20.80 12.58 4.75
CA LYS A 95 -20.40 11.20 4.80
C LYS A 95 -19.69 10.80 3.50
N SER A 96 -20.07 11.45 2.40
CA SER A 96 -19.57 11.11 1.06
C SER A 96 -18.48 12.05 0.56
N ALA A 97 -17.86 12.80 1.47
CA ALA A 97 -16.74 13.66 1.11
C ALA A 97 -15.65 12.94 0.37
N ASN A 98 -15.19 13.57 -0.68
CA ASN A 98 -13.96 13.17 -1.28
C ASN A 98 -12.82 13.76 -0.48
N VAL A 99 -11.93 12.89 -0.06
CA VAL A 99 -10.80 13.32 0.77
C VAL A 99 -9.53 12.73 0.22
N LYS A 100 -8.62 13.57 -0.23
CA LYS A 100 -7.30 13.18 -0.69
C LYS A 100 -6.25 13.47 0.37
N ILE A 101 -5.33 12.55 0.59
CA ILE A 101 -4.31 12.75 1.59
C ILE A 101 -3.04 12.96 0.80
N LEU A 102 -2.49 14.15 0.91
CA LEU A 102 -1.32 14.58 0.13
C LEU A 102 -0.13 14.54 1.06
N ILE A 103 0.88 13.74 0.71
CA ILE A 103 2.08 13.55 1.56
C ILE A 103 3.08 14.68 1.23
N ALA A 104 3.44 15.46 2.24
CA ALA A 104 4.31 16.64 2.10
C ALA A 104 5.74 16.18 2.18
N THR A 105 6.34 15.88 1.04
CA THR A 105 7.70 15.35 0.98
C THR A 105 8.74 16.42 0.96
N GLY A 106 8.31 17.69 0.83
CA GLY A 106 9.19 18.83 0.61
C GLY A 106 10.14 18.52 -0.54
N PHE A 107 11.41 18.59 -0.21
CA PHE A 107 12.54 18.40 -1.08
C PHE A 107 12.82 16.92 -1.29
N HIS A 108 12.28 16.05 -0.43
CA HIS A 108 12.71 14.67 -0.39
C HIS A 108 12.22 13.87 -1.59
N ARG A 109 12.88 12.74 -1.78
CA ARG A 109 12.39 11.76 -2.74
C ARG A 109 11.05 11.21 -2.23
N GLY A 110 10.22 10.80 -3.17
CA GLY A 110 8.91 10.29 -2.86
C GLY A 110 8.90 9.12 -1.91
N THR A 111 7.91 9.09 -1.03
CA THR A 111 7.70 7.99 -0.12
C THR A 111 7.32 6.75 -0.93
N THR A 112 7.93 5.61 -0.59
CA THR A 112 7.59 4.37 -1.26
C THR A 112 6.39 3.69 -0.62
N LEU A 113 5.83 2.69 -1.28
CA LEU A 113 4.63 2.02 -0.78
C LEU A 113 4.91 1.30 0.51
N GLN A 114 6.11 0.72 0.63
CA GLN A 114 6.48 -0.01 1.86
C GLN A 114 6.54 0.97 3.03
N GLU A 115 7.08 2.14 2.74
CA GLU A 115 7.18 3.23 3.70
C GLU A 115 5.80 3.75 4.05
N MET A 116 4.93 3.86 3.05
CA MET A 116 3.57 4.28 3.31
C MET A 116 2.88 3.25 4.20
N LYS A 117 3.09 1.97 3.92
CA LYS A 117 2.49 0.92 4.74
C LYS A 117 3.04 1.04 6.15
N ALA A 118 4.35 1.25 6.31
CA ALA A 118 4.93 1.34 7.67
C ALA A 118 4.36 2.49 8.48
N LYS A 119 4.20 3.64 7.82
CA LYS A 119 3.69 4.86 8.47
C LYS A 119 2.20 4.85 8.77
N PHE A 120 1.39 4.51 7.76
CA PHE A 120 -0.05 4.64 7.81
C PHE A 120 -0.84 3.34 8.02
N GLY A 121 -0.22 2.19 7.75
CA GLY A 121 -0.92 0.91 7.85
C GLY A 121 -1.57 0.59 6.51
N GLU A 122 -1.68 -0.71 6.24
CA GLU A 122 -2.13 -1.25 5.00
C GLU A 122 -3.57 -0.83 4.62
N ASP A 123 -4.47 -0.90 5.57
CA ASP A 123 -5.88 -0.63 5.28
C ASP A 123 -6.04 0.84 4.92
N LEU A 124 -5.41 1.74 5.69
CA LEU A 124 -5.56 3.16 5.42
C LEU A 124 -4.97 3.53 4.03
N VAL A 125 -3.82 2.96 3.67
CA VAL A 125 -3.20 3.23 2.38
C VAL A 125 -4.12 2.74 1.24
N GLU A 126 -4.64 1.55 1.37
CA GLU A 126 -5.61 1.04 0.42
C GLU A 126 -6.89 1.86 0.37
N ASN A 127 -7.55 1.96 1.51
CA ASN A 127 -8.94 2.40 1.61
C ASN A 127 -9.13 3.91 1.31
N GLU A 128 -8.11 4.71 1.57
CA GLU A 128 -8.16 6.13 1.28
C GLU A 128 -7.28 6.49 0.09
N GLN A 129 -7.47 7.72 -0.38
CA GLN A 129 -6.72 8.30 -1.51
C GLN A 129 -5.47 9.06 -1.09
N PHE A 130 -4.33 8.43 -1.22
CA PHE A 130 -3.03 9.01 -0.93
C PHE A 130 -2.37 9.42 -2.22
N VAL A 131 -1.75 10.58 -2.19
CA VAL A 131 -1.03 11.13 -3.31
C VAL A 131 0.29 11.65 -2.74
N VAL A 132 1.39 11.46 -3.50
CA VAL A 132 2.70 11.84 -3.02
C VAL A 132 3.16 13.13 -3.71
N HIS A 133 3.56 14.13 -2.94
CA HIS A 133 4.02 15.38 -3.51
C HIS A 133 5.33 15.13 -4.20
N ASP A 134 5.49 15.73 -5.38
CA ASP A 134 6.80 15.69 -6.06
C ASP A 134 7.17 17.15 -6.40
N SER A 135 8.12 17.63 -5.61
CA SER A 135 8.56 19.02 -5.70
C SER A 135 9.29 19.26 -7.03
N ARG A 136 9.70 18.17 -7.69
CA ARG A 136 10.45 18.29 -8.94
C ARG A 136 9.60 18.16 -10.21
N ASN A 137 8.30 17.96 -10.06
CA ASN A 137 7.37 17.89 -11.20
C ASN A 137 6.59 19.17 -11.40
N SER A 138 7.11 20.02 -12.28
CA SER A 138 6.55 21.35 -12.50
C SER A 138 5.12 21.34 -12.99
N GLU A 139 4.75 20.29 -13.71
CA GLU A 139 3.42 20.13 -14.27
C GLU A 139 2.36 20.04 -13.18
N ASN A 140 2.74 19.46 -12.04
CA ASN A 140 1.84 19.41 -10.90
C ASN A 140 1.93 20.57 -9.88
N MET A 141 2.72 21.59 -10.20
CA MET A 141 2.87 22.81 -9.39
C MET A 141 2.08 23.95 -10.00
N GLU A 142 1.59 24.86 -9.15
CA GLU A 142 0.95 26.09 -9.62
C GLU A 142 1.51 27.33 -8.93
N LEU A 143 1.87 28.33 -9.72
CA LEU A 143 2.22 29.64 -9.17
C LEU A 143 0.99 30.23 -8.55
N ILE A 144 1.06 30.58 -7.27
CA ILE A 144 -0.07 31.18 -6.58
C ILE A 144 0.15 32.56 -6.04
N GLY A 145 1.36 33.09 -6.11
CA GLY A 145 1.57 34.40 -5.54
C GLY A 145 3.02 34.73 -5.39
N THR A 146 3.26 35.89 -4.81
CA THR A 146 4.62 36.32 -4.49
C THR A 146 4.77 36.68 -3.00
N LEU A 147 5.89 36.24 -2.43
CA LEU A 147 6.04 36.21 -1.00
C LEU A 147 6.52 37.58 -0.52
N PRO A 148 6.39 37.85 0.80
CA PRO A 148 6.96 39.07 1.38
C PRO A 148 8.40 39.38 0.99
N SER A 149 9.23 38.34 0.85
CA SER A 149 10.61 38.52 0.43
C SER A 149 10.75 38.88 -1.04
N GLY A 150 9.67 38.79 -1.79
CA GLY A 150 9.70 39.01 -3.23
C GLY A 150 9.71 37.74 -4.08
N GLY A 151 10.02 36.58 -3.50
CA GLY A 151 10.03 35.32 -4.26
C GLY A 151 8.67 34.80 -4.74
N LYS A 152 8.70 34.14 -5.90
CA LYS A 152 7.52 33.40 -6.36
C LYS A 152 7.16 32.26 -5.37
N LEU A 153 5.90 31.90 -5.35
CA LEU A 153 5.38 30.81 -4.53
C LEU A 153 4.66 29.81 -5.45
N GLU A 154 5.18 28.59 -5.55
CA GLU A 154 4.59 27.55 -6.38
C GLU A 154 4.28 26.39 -5.47
N ILE A 155 3.02 25.97 -5.44
CA ILE A 155 2.67 24.79 -4.63
C ILE A 155 1.91 23.70 -5.44
N ASN A 156 1.83 22.51 -4.88
CA ASN A 156 1.08 21.40 -5.51
C ASN A 156 -0.36 21.82 -5.89
N LYS A 157 -0.68 21.57 -7.16
CA LYS A 157 -1.99 21.90 -7.73
C LYS A 157 -3.21 21.32 -7.01
N LEU A 158 -3.05 20.09 -6.56
CA LEU A 158 -4.12 19.43 -5.80
C LEU A 158 -4.55 20.26 -4.62
N ALA A 159 -3.56 20.81 -3.91
CA ALA A 159 -3.82 21.69 -2.77
C ALA A 159 -4.60 22.96 -3.16
N VAL A 160 -4.20 23.54 -4.27
CA VAL A 160 -4.79 24.77 -4.81
C VAL A 160 -6.25 24.50 -5.20
N GLU A 161 -6.48 23.41 -5.92
CA GLU A 161 -7.84 23.01 -6.40
C GLU A 161 -8.85 22.60 -5.31
N ALA A 162 -8.35 22.20 -4.15
CA ALA A 162 -9.18 21.82 -3.04
C ALA A 162 -10.22 22.85 -2.64
N ASP A 163 -11.42 22.34 -2.36
CA ASP A 163 -12.50 23.09 -1.68
C ASP A 163 -12.18 23.43 -0.27
N LEU A 164 -11.49 22.51 0.39
CA LEU A 164 -11.00 22.77 1.72
C LEU A 164 -9.64 22.14 1.81
N LEU A 165 -8.68 22.91 2.29
CA LEU A 165 -7.36 22.42 2.54
C LEU A 165 -7.06 22.38 4.02
N VAL A 166 -6.62 21.19 4.47
CA VAL A 166 -6.33 20.90 5.86
C VAL A 166 -4.89 20.37 5.96
N ALA A 167 -4.28 20.45 7.13
CA ALA A 167 -2.97 19.78 7.35
C ALA A 167 -2.85 19.22 8.74
N GLU A 168 -2.08 18.15 8.86
CA GLU A 168 -1.68 17.66 10.13
C GLU A 168 -0.16 17.72 10.23
N GLY A 169 0.32 17.62 11.45
CA GLY A 169 1.77 17.76 11.68
C GLY A 169 2.12 17.58 13.14
N PHE A 170 3.36 17.92 13.51
CA PHE A 170 3.77 17.91 14.93
C PHE A 170 4.66 19.13 15.21
N ILE A 171 4.79 19.46 16.48
CA ILE A 171 5.47 20.71 16.86
C ILE A 171 6.66 20.41 17.77
N GLU A 172 7.87 20.80 17.39
CA GLU A 172 9.06 20.63 18.23
C GLU A 172 9.98 21.79 17.83
N PRO A 173 11.06 22.04 18.58
CA PRO A 173 11.86 23.19 18.21
C PRO A 173 12.56 22.93 16.91
N HIS A 174 12.92 23.98 16.20
CA HIS A 174 13.71 23.84 14.96
C HIS A 174 14.73 24.96 14.91
N PHE A 175 15.97 24.59 14.62
CA PHE A 175 17.09 25.48 14.81
C PHE A 175 17.18 26.71 13.88
N PHE A 176 16.41 26.74 12.80
CA PHE A 176 16.27 28.04 12.07
C PHE A 176 14.86 28.47 11.71
N ALA A 177 13.89 27.57 11.62
CA ALA A 177 12.50 27.93 11.45
C ALA A 177 11.75 28.16 12.77
N GLY A 178 12.45 28.01 13.90
CA GLY A 178 11.87 28.28 15.22
C GLY A 178 11.20 27.07 15.78
N PHE A 179 10.14 26.64 15.09
CA PHE A 179 9.47 25.38 15.40
C PHE A 179 9.07 24.68 14.12
N SER A 180 8.83 23.37 14.24
CA SER A 180 8.18 22.59 13.20
C SER A 180 6.68 22.82 13.18
N GLY A 181 6.02 22.28 12.16
CA GLY A 181 4.55 22.26 12.07
C GLY A 181 3.86 23.49 11.47
N GLY A 182 2.55 23.49 11.61
CA GLY A 182 1.67 24.54 11.11
C GLY A 182 1.98 24.75 9.64
N ARG A 183 2.30 26.00 9.31
CA ARG A 183 2.64 26.46 7.97
C ARG A 183 3.67 25.67 7.18
N LYS A 184 4.52 24.95 7.86
CA LYS A 184 5.53 24.12 7.16
C LYS A 184 4.96 22.99 6.30
N SER A 185 3.72 22.62 6.55
CA SER A 185 3.02 21.71 5.63
C SER A 185 2.91 22.32 4.21
N ILE A 186 2.91 23.65 4.09
CA ILE A 186 2.85 24.31 2.81
C ILE A 186 4.23 24.58 2.25
N LEU A 187 5.05 25.33 2.99
CA LEU A 187 6.40 25.66 2.55
C LEU A 187 7.34 25.28 3.71
N PRO A 188 8.16 24.22 3.54
CA PRO A 188 8.44 23.54 2.30
C PRO A 188 7.53 22.39 1.83
N GLY A 189 6.60 21.94 2.65
CA GLY A 189 6.05 20.60 2.51
C GLY A 189 5.48 20.21 1.15
N ILE A 190 4.77 21.13 0.52
CA ILE A 190 4.14 20.85 -0.80
C ILE A 190 4.54 21.89 -1.84
N ALA A 191 5.72 22.48 -1.69
CA ALA A 191 6.24 23.55 -2.56
C ALA A 191 7.18 22.99 -3.58
N SER A 192 7.47 23.83 -4.57
CA SER A 192 8.44 23.46 -5.64
C SER A 192 9.86 23.45 -5.11
N VAL A 193 10.73 22.62 -5.71
CA VAL A 193 12.12 22.51 -5.19
C VAL A 193 12.76 23.93 -5.16
N GLN A 194 12.48 24.76 -6.16
CA GLN A 194 13.07 26.10 -6.24
C GLN A 194 12.61 26.97 -5.10
N CYS A 195 11.32 26.90 -4.76
CA CYS A 195 10.82 27.67 -3.66
C CYS A 195 11.43 27.20 -2.36
N ILE A 196 11.61 25.89 -2.23
CA ILE A 196 12.19 25.33 -1.01
C ILE A 196 13.60 25.85 -0.83
N LEU A 197 14.41 25.73 -1.86
CA LEU A 197 15.79 26.16 -1.76
C LEU A 197 15.84 27.65 -1.45
N ALA A 198 14.99 28.46 -2.06
CA ALA A 198 15.00 29.94 -1.83
C ALA A 198 14.67 30.26 -0.37
N ASN A 199 13.84 29.43 0.24
CA ASN A 199 13.43 29.58 1.63
C ASN A 199 14.60 29.21 2.59
N HIS A 200 15.72 28.70 2.06
CA HIS A 200 16.90 28.40 2.86
C HIS A 200 18.10 29.31 2.46
N CYS A 201 17.80 30.41 1.76
CA CYS A 201 18.86 31.30 1.23
C CYS A 201 19.78 31.85 2.30
N SER A 202 21.00 32.14 1.90
CA SER A 202 22.01 32.66 2.85
C SER A 202 21.58 33.94 3.59
N GLU A 203 20.81 34.80 2.93
CA GLU A 203 20.32 36.02 3.54
C GLU A 203 19.38 35.73 4.70
N PHE A 204 18.52 34.75 4.48
CA PHE A 204 17.56 34.30 5.52
C PHE A 204 18.31 33.65 6.66
N ILE A 205 19.21 32.75 6.31
CA ILE A 205 19.92 31.99 7.38
C ILE A 205 20.79 32.91 8.27
N LYS A 206 21.32 33.96 7.69
CA LYS A 206 22.14 34.93 8.41
C LYS A 206 21.35 35.83 9.33
N ASN A 207 20.04 35.89 9.15
CA ASN A 207 19.24 36.79 9.97
C ASN A 207 19.32 36.38 11.43
N PRO A 208 19.38 37.36 12.35
CA PRO A 208 19.59 36.96 13.72
C PRO A 208 18.36 36.31 14.39
N TYR A 209 17.22 36.38 13.71
CA TYR A 209 15.98 35.76 14.16
C TYR A 209 15.72 34.37 13.64
N ALA A 210 16.57 33.86 12.75
CA ALA A 210 16.45 32.54 12.20
C ALA A 210 17.15 31.58 13.16
N ARG A 211 16.50 31.32 14.29
CA ARG A 211 17.10 30.59 15.42
C ARG A 211 16.05 29.70 16.11
N THR A 212 16.56 28.77 16.91
CA THR A 212 15.66 27.84 17.64
C THR A 212 14.66 28.56 18.50
N GLY A 213 13.39 28.16 18.35
CA GLY A 213 12.30 28.68 19.10
C GLY A 213 11.90 30.13 18.86
N VAL A 214 12.43 30.73 17.82
CA VAL A 214 12.11 32.10 17.38
C VAL A 214 11.24 32.15 16.13
N LEU A 215 10.05 32.75 16.26
CA LEU A 215 9.13 32.93 15.18
C LEU A 215 9.00 34.41 14.82
N GLU A 216 8.89 35.29 15.80
CA GLU A 216 8.66 36.69 15.49
C GLU A 216 9.90 37.32 14.91
N ASN A 217 9.71 37.97 13.76
CA ASN A 217 10.79 38.67 13.03
C ASN A 217 11.71 37.69 12.31
N ASN A 218 11.34 36.41 12.35
CA ASN A 218 12.06 35.33 11.63
C ASN A 218 11.61 35.34 10.17
N PRO A 219 12.50 35.72 9.24
CA PRO A 219 12.01 35.93 7.87
C PRO A 219 11.64 34.64 7.14
N ILE A 220 12.23 33.52 7.56
CA ILE A 220 11.91 32.20 6.99
C ILE A 220 10.46 31.90 7.32
N HIS A 221 10.15 32.08 8.59
CA HIS A 221 8.80 31.90 9.13
C HIS A 221 7.82 32.87 8.52
N ARG A 222 8.24 34.11 8.32
CA ARG A 222 7.36 35.08 7.65
C ARG A 222 6.91 34.65 6.25
N ASP A 223 7.85 34.18 5.42
CA ASP A 223 7.51 33.63 4.09
C ASP A 223 6.60 32.42 4.19
N MET A 224 6.83 31.53 5.18
CA MET A 224 6.02 30.34 5.34
C MET A 224 4.59 30.67 5.70
N ILE A 225 4.43 31.65 6.58
CA ILE A 225 3.14 32.08 7.09
C ILE A 225 2.33 32.65 5.92
N TYR A 226 3.00 33.46 5.10
CA TYR A 226 2.33 34.04 3.94
C TYR A 226 1.95 32.98 2.94
N ALA A 227 2.87 32.04 2.66
CA ALA A 227 2.59 30.85 1.82
C ALA A 227 1.38 30.11 2.28
N ALA A 228 1.24 29.88 3.58
CA ALA A 228 0.09 29.12 4.10
C ALA A 228 -1.23 29.88 3.87
N LYS A 229 -1.19 31.20 4.15
CA LYS A 229 -2.35 32.08 3.87
C LYS A 229 -2.79 32.05 2.41
N LYS A 230 -1.83 32.17 1.50
CA LYS A 230 -2.08 32.19 0.07
C LYS A 230 -2.58 30.84 -0.43
N ALA A 231 -2.19 29.78 0.27
CA ALA A 231 -2.69 28.42 0.00
C ALA A 231 -4.08 28.14 0.53
N ASN A 232 -4.63 29.05 1.33
CA ASN A 232 -5.92 28.91 2.03
C ASN A 232 -5.96 27.64 2.93
N LEU A 233 -4.84 27.38 3.61
CA LEU A 233 -4.83 26.41 4.70
C LEU A 233 -5.81 26.82 5.79
N ALA A 234 -6.90 26.06 5.88
CA ALA A 234 -8.08 26.45 6.65
C ALA A 234 -8.17 25.82 8.05
N PHE A 235 -7.47 24.72 8.25
CA PHE A 235 -7.51 23.99 9.52
C PHE A 235 -6.25 23.11 9.61
N ILE A 236 -5.68 23.08 10.83
CA ILE A 236 -4.60 22.14 11.16
C ILE A 236 -4.91 21.29 12.42
N LEU A 237 -4.26 20.13 12.52
CA LEU A 237 -4.22 19.34 13.76
C LEU A 237 -2.74 19.14 13.90
N ASN A 238 -2.15 19.69 14.95
CA ASN A 238 -0.72 19.43 15.23
C ASN A 238 -0.56 18.79 16.62
N VAL A 239 0.21 17.73 16.71
CA VAL A 239 0.48 17.05 17.94
C VAL A 239 1.85 17.43 18.51
N VAL A 240 1.98 17.19 19.80
CA VAL A 240 3.25 17.26 20.48
C VAL A 240 3.47 15.86 20.98
N ILE A 241 4.65 15.32 20.74
CA ILE A 241 4.92 13.94 21.03
C ILE A 241 6.18 13.85 21.91
N ASP A 242 6.27 12.77 22.69
CA ASP A 242 7.43 12.53 23.55
C ASP A 242 8.51 11.78 22.80
N SER A 243 9.62 11.48 23.47
CA SER A 243 10.69 10.61 22.88
C SER A 243 10.20 9.36 22.15
N SER A 244 9.26 8.68 22.79
CA SER A 244 8.66 7.44 22.28
C SER A 244 7.75 7.60 21.08
N HIS A 245 7.49 8.86 20.68
CA HIS A 245 6.50 9.20 19.65
C HIS A 245 5.06 9.07 20.12
N LYS A 246 4.85 8.97 21.43
CA LYS A 246 3.51 9.05 22.02
C LYS A 246 2.97 10.48 22.05
N ILE A 247 1.71 10.65 21.62
CA ILE A 247 1.06 11.96 21.67
C ILE A 247 0.82 12.32 23.11
N VAL A 248 1.29 13.52 23.50
CA VAL A 248 1.11 14.08 24.86
C VAL A 248 0.26 15.35 24.92
N ASN A 249 0.05 15.99 23.78
CA ASN A 249 -0.85 17.10 23.62
C ASN A 249 -1.16 17.25 22.12
N ALA A 250 -2.13 18.08 21.85
CA ALA A 250 -2.64 18.32 20.52
C ALA A 250 -3.40 19.63 20.44
N PHE A 251 -3.25 20.29 19.29
CA PHE A 251 -3.77 21.62 19.02
C PHE A 251 -4.36 21.61 17.62
N ALA A 252 -5.57 22.15 17.48
CA ALA A 252 -6.33 22.12 16.26
C ALA A 252 -7.02 23.44 16.02
N GLY A 253 -7.17 23.79 14.75
CA GLY A 253 -7.91 24.96 14.30
C GLY A 253 -7.15 25.82 13.33
N HIS A 254 -7.15 27.13 13.56
CA HIS A 254 -6.59 28.11 12.66
C HIS A 254 -5.11 27.80 12.45
N SER A 255 -4.66 27.86 11.20
CA SER A 255 -3.33 27.32 10.88
C SER A 255 -2.20 28.07 11.60
N GLU A 256 -2.44 29.35 11.88
CA GLU A 256 -1.53 30.16 12.68
C GLU A 256 -1.85 30.08 14.17
N LYS A 257 -3.07 30.40 14.61
CA LYS A 257 -3.36 30.53 16.03
C LYS A 257 -3.21 29.19 16.76
N ALA A 258 -3.64 28.07 16.15
CA ALA A 258 -3.51 26.75 16.79
C ALA A 258 -2.03 26.34 16.88
N HIS A 259 -1.24 26.64 15.85
CA HIS A 259 0.20 26.39 15.82
C HIS A 259 0.88 27.15 16.91
N LEU A 260 0.53 28.44 17.06
CA LEU A 260 1.14 29.23 18.13
C LEU A 260 0.84 28.73 19.53
N LYS A 261 -0.41 28.31 19.79
CA LYS A 261 -0.75 27.74 21.09
C LYS A 261 0.10 26.48 21.36
N GLY A 262 0.32 25.68 20.33
CA GLY A 262 1.22 24.54 20.46
C GLY A 262 2.67 24.93 20.71
N CYS A 263 3.13 25.95 20.03
CA CYS A 263 4.53 26.42 20.19
C CYS A 263 4.71 27.00 21.56
N GLU A 264 3.67 27.66 22.07
CA GLU A 264 3.76 28.19 23.43
C GLU A 264 3.93 27.03 24.39
N PHE A 265 3.19 25.96 24.21
CA PHE A 265 3.30 24.79 25.06
C PHE A 265 4.75 24.20 24.99
N VAL A 266 5.24 24.02 23.78
CA VAL A 266 6.57 23.47 23.54
C VAL A 266 7.59 24.37 24.13
N SER A 267 7.50 25.70 23.95
CA SER A 267 8.46 26.62 24.61
C SER A 267 8.52 26.41 26.15
N GLU A 268 7.35 26.23 26.79
CA GLU A 268 7.34 26.01 28.25
C GLU A 268 8.11 24.75 28.63
N ILE A 269 7.99 23.65 27.85
CA ILE A 269 8.64 22.36 28.15
C ILE A 269 10.11 22.36 27.76
N ALA A 270 10.41 22.95 26.61
CA ALA A 270 11.75 22.82 26.03
C ALA A 270 12.73 23.92 26.40
N THR A 271 12.27 25.06 26.91
CA THR A 271 13.19 26.20 27.15
C THR A 271 14.08 25.93 28.35
N VAL A 272 15.37 26.13 28.20
CA VAL A 272 16.30 26.07 29.35
C VAL A 272 17.09 27.36 29.39
N ASN A 273 17.41 27.80 30.60
CA ASN A 273 18.08 29.07 30.81
C ASN A 273 19.53 28.83 31.11
N ALA A 274 20.43 29.34 30.27
CA ALA A 274 21.86 29.09 30.40
C ALA A 274 22.68 30.33 30.79
N LYS A 275 23.53 30.22 31.82
CA LYS A 275 24.61 31.16 32.05
C LYS A 275 25.79 30.74 31.19
N PRO A 276 26.20 31.58 30.24
CA PRO A 276 27.18 30.99 29.33
C PRO A 276 28.50 30.57 30.02
N ALA A 277 29.04 29.45 29.54
CA ALA A 277 30.18 28.80 30.13
C ALA A 277 31.27 28.66 29.10
N ASP A 278 32.47 28.42 29.60
CA ASP A 278 33.60 28.21 28.73
C ASP A 278 33.58 26.92 27.96
N ILE A 279 32.92 25.90 28.55
CA ILE A 279 32.75 24.55 27.95
C ILE A 279 31.28 24.13 28.06
N VAL A 280 30.77 23.58 26.99
CA VAL A 280 29.48 22.97 26.99
C VAL A 280 29.65 21.51 26.55
N ILE A 281 28.95 20.58 27.20
CA ILE A 281 28.82 19.19 26.76
C ILE A 281 27.41 18.92 26.38
N THR A 282 27.20 18.46 25.15
CA THR A 282 25.84 18.14 24.70
C THR A 282 25.84 16.90 23.75
N SER A 283 24.67 16.58 23.23
CA SER A 283 24.50 15.43 22.33
C SER A 283 23.50 15.77 21.26
N ASN A 284 23.37 14.90 20.27
CA ASN A 284 22.31 15.11 19.30
C ASN A 284 21.15 14.17 19.49
N GLY A 285 20.82 13.82 20.73
CA GLY A 285 19.59 13.08 21.02
C GLY A 285 19.57 11.58 20.76
N GLY A 286 20.71 10.98 20.45
CA GLY A 286 20.77 9.55 20.19
C GLY A 286 20.26 9.17 18.80
N TYR A 287 20.32 7.89 18.44
CA TYR A 287 19.79 7.44 17.14
C TYR A 287 18.25 7.44 17.16
N PRO A 288 17.63 7.83 16.02
CA PRO A 288 18.15 8.24 14.71
C PRO A 288 18.55 9.72 14.60
N LEU A 289 18.34 10.48 15.67
CA LEU A 289 18.58 11.93 15.58
C LEU A 289 20.05 12.30 15.38
N ASP A 290 20.96 11.41 15.77
CA ASP A 290 22.41 11.66 15.65
C ASP A 290 23.09 10.83 14.57
N GLN A 291 22.36 10.55 13.49
CA GLN A 291 22.85 9.59 12.50
C GLN A 291 23.92 10.12 11.57
N ASN A 292 24.11 11.41 11.53
CA ASN A 292 25.16 12.00 10.68
C ASN A 292 25.54 13.39 11.18
N ILE A 293 26.73 13.83 10.74
CA ILE A 293 27.28 15.16 11.09
C ILE A 293 26.34 16.29 10.73
N TYR A 294 25.73 16.18 9.53
CA TYR A 294 24.73 17.14 9.05
C TYR A 294 23.69 17.41 10.17
N GLN A 295 23.10 16.36 10.72
CA GLN A 295 22.07 16.50 11.75
C GLN A 295 22.64 17.08 13.03
N SER A 296 23.88 16.74 13.32
CA SER A 296 24.52 17.14 14.60
C SER A 296 24.80 18.64 14.76
N VAL A 297 24.81 19.37 13.64
CA VAL A 297 24.82 20.84 13.71
C VAL A 297 23.64 21.35 14.55
N LYS A 298 22.50 20.67 14.58
CA LYS A 298 21.35 21.09 15.43
C LYS A 298 21.68 21.18 16.93
N GLY A 299 22.21 20.10 17.47
CA GLY A 299 22.70 20.04 18.88
C GLY A 299 23.82 21.05 19.12
N MET A 300 24.69 21.24 18.12
CA MET A 300 25.74 22.22 18.29
C MET A 300 25.25 23.64 18.51
N THR A 301 24.12 23.97 17.87
CA THR A 301 23.50 25.31 18.06
C THR A 301 23.03 25.50 19.52
N ALA A 302 22.58 24.43 20.19
CA ALA A 302 22.17 24.51 21.61
C ALA A 302 23.46 24.76 22.39
N GLY A 303 24.54 24.06 22.03
CA GLY A 303 25.88 24.38 22.52
C GLY A 303 26.32 25.83 22.38
N GLU A 304 26.17 26.37 21.16
CA GLU A 304 26.58 27.69 20.83
C GLU A 304 25.95 28.71 21.76
N ALA A 305 24.64 28.58 21.95
CA ALA A 305 23.85 29.46 22.77
C ALA A 305 24.24 29.41 24.27
N ALA A 306 24.82 28.32 24.73
CA ALA A 306 25.28 28.19 26.13
C ALA A 306 26.75 28.35 26.34
N CYS A 307 27.48 28.73 25.28
CA CYS A 307 28.92 28.82 25.32
C CYS A 307 29.37 30.29 25.19
N LYS A 308 30.37 30.67 25.98
CA LYS A 308 31.04 31.94 25.81
C LYS A 308 31.81 31.98 24.47
N ASP A 309 31.94 33.17 23.90
CA ASP A 309 32.73 33.40 22.71
C ASP A 309 34.10 32.86 22.92
N GLY A 310 34.54 32.07 21.96
CA GLY A 310 35.81 31.39 22.06
C GLY A 310 35.88 30.14 22.87
N GLY A 311 34.72 29.69 23.40
CA GLY A 311 34.65 28.53 24.23
C GLY A 311 34.62 27.28 23.38
N VAL A 312 34.50 26.13 24.05
CA VAL A 312 34.53 24.82 23.42
C VAL A 312 33.20 24.12 23.62
N ILE A 313 32.63 23.65 22.51
CA ILE A 313 31.43 22.85 22.55
C ILE A 313 31.85 21.41 22.28
N ILE A 314 31.55 20.51 23.22
CA ILE A 314 31.68 19.03 23.07
C ILE A 314 30.31 18.45 22.77
N ILE A 315 30.22 17.73 21.66
CA ILE A 315 28.99 17.13 21.24
C ILE A 315 29.18 15.62 21.01
N ALA A 316 28.33 14.81 21.65
CA ALA A 316 28.36 13.40 21.42
C ALA A 316 27.29 13.09 20.42
N ALA A 317 27.72 12.53 19.27
CA ALA A 317 26.87 12.22 18.11
C ALA A 317 27.56 11.05 17.35
N GLU A 318 26.94 9.88 17.39
CA GLU A 318 27.57 8.67 16.83
C GLU A 318 27.85 8.85 15.35
N CYS A 319 26.89 9.48 14.65
CA CYS A 319 27.05 9.74 13.21
C CYS A 319 27.38 8.47 12.42
N ALA A 320 26.62 7.44 12.70
CA ALA A 320 26.83 6.13 12.08
C ALA A 320 26.82 6.20 10.56
N ASP A 321 26.04 7.12 10.00
CA ASP A 321 25.93 7.29 8.55
C ASP A 321 26.92 8.29 7.95
N GLY A 322 27.87 8.78 8.73
CA GLY A 322 28.95 9.59 8.20
C GLY A 322 28.56 11.06 8.20
N HIS A 323 28.97 11.82 7.19
CA HIS A 323 28.81 13.29 7.23
C HIS A 323 27.43 13.76 6.90
N GLY A 324 26.59 12.93 6.28
CA GLY A 324 25.23 13.30 5.96
C GLY A 324 24.97 14.21 4.75
N GLY A 325 26.01 14.49 3.98
CA GLY A 325 25.86 15.25 2.77
C GLY A 325 27.15 15.68 2.13
N GLU A 326 27.35 15.22 0.91
CA GLU A 326 28.59 15.50 0.22
C GLU A 326 28.81 16.99 0.08
N GLY A 327 27.78 17.71 -0.31
CA GLY A 327 27.91 19.18 -0.51
C GLY A 327 28.24 19.89 0.82
N PHE A 328 27.50 19.52 1.85
CA PHE A 328 27.75 19.98 3.23
C PHE A 328 29.20 19.79 3.55
N TYR A 329 29.73 18.58 3.33
CA TYR A 329 31.11 18.22 3.65
C TYR A 329 32.14 19.03 2.84
N ARG A 330 31.89 19.09 1.54
CA ARG A 330 32.76 19.72 0.53
C ARG A 330 32.93 21.23 0.76
N TRP A 331 31.94 21.89 1.33
CA TRP A 331 32.11 23.30 1.69
C TRP A 331 33.33 23.47 2.56
N PHE A 332 33.53 22.57 3.54
CA PHE A 332 34.64 22.64 4.47
C PHE A 332 35.90 22.04 3.86
N LYS A 333 35.71 20.93 3.17
CA LYS A 333 36.87 20.21 2.63
C LYS A 333 37.62 21.09 1.63
N GLU A 334 36.85 21.89 0.88
CA GLU A 334 37.37 22.80 -0.17
C GLU A 334 37.70 24.26 0.29
N SER A 335 37.63 24.57 1.58
CA SER A 335 37.85 25.95 2.01
C SER A 335 39.00 26.04 3.01
N LYS A 336 39.41 27.26 3.28
CA LYS A 336 40.59 27.49 4.16
C LYS A 336 40.32 27.36 5.64
N ASP A 337 39.13 27.77 6.05
CA ASP A 337 38.76 27.82 7.45
C ASP A 337 37.29 28.15 7.47
N PRO A 338 36.68 28.14 8.66
CA PRO A 338 35.26 28.42 8.67
C PRO A 338 34.82 29.81 8.14
N GLN A 339 35.63 30.87 8.37
CA GLN A 339 35.29 32.18 7.88
C GLN A 339 35.25 32.14 6.33
N ASP A 340 36.12 31.34 5.73
CA ASP A 340 36.14 31.19 4.24
C ASP A 340 34.77 30.57 3.79
N VAL A 341 34.33 29.53 4.48
CA VAL A 341 33.09 28.88 4.20
C VAL A 341 31.95 29.87 4.26
N MET A 342 31.89 30.65 5.35
CA MET A 342 30.87 31.64 5.51
C MET A 342 30.89 32.66 4.38
N ASN A 343 32.07 33.15 4.04
CA ASN A 343 32.17 34.19 3.04
C ASN A 343 31.65 33.71 1.66
N LYS A 344 32.01 32.51 1.33
CA LYS A 344 31.51 31.85 0.12
C LYS A 344 30.02 31.72 0.14
N ILE A 345 29.45 31.22 1.24
CA ILE A 345 28.02 31.01 1.25
C ILE A 345 27.20 32.34 1.24
N LEU A 346 27.67 33.32 1.98
CA LEU A 346 27.02 34.60 2.00
C LEU A 346 27.07 35.29 0.64
N SER A 347 28.04 34.91 -0.23
CA SER A 347 28.09 35.48 -1.59
C SER A 347 26.95 34.94 -2.48
N ARG A 348 26.15 34.01 -1.97
CA ARG A 348 25.11 33.36 -2.77
C ARG A 348 23.78 34.06 -2.61
N GLY A 349 23.19 34.50 -3.74
CA GLY A 349 21.92 35.18 -3.71
C GLY A 349 20.71 34.28 -3.42
N ARG A 350 19.54 34.91 -3.43
CA ARG A 350 18.30 34.25 -3.01
C ARG A 350 17.94 33.08 -3.94
N ASP A 351 18.29 33.22 -5.24
CA ASP A 351 18.04 32.16 -6.22
C ASP A 351 19.18 31.25 -6.54
N GLU A 352 20.22 31.25 -5.69
CA GLU A 352 21.42 30.53 -5.94
C GLU A 352 21.68 29.50 -4.81
N THR A 353 20.65 29.25 -4.04
CA THR A 353 20.81 28.36 -2.88
C THR A 353 20.91 26.91 -3.35
N LEU A 354 21.96 26.21 -2.94
CA LEU A 354 22.15 24.82 -3.27
C LEU A 354 21.89 23.87 -2.11
N PRO A 355 21.49 22.65 -2.43
CA PRO A 355 21.24 21.69 -1.34
C PRO A 355 22.44 21.59 -0.37
N ASP A 356 22.12 21.54 0.92
CA ASP A 356 23.05 21.42 2.04
C ASP A 356 23.68 22.77 2.49
N GLN A 357 23.57 23.85 1.69
CA GLN A 357 24.40 25.01 1.95
C GLN A 357 24.08 25.65 3.32
N TRP A 358 22.80 25.62 3.69
CA TRP A 358 22.35 26.29 4.91
C TRP A 358 22.94 25.59 6.18
N GLU A 359 23.07 24.28 6.09
CA GLU A 359 23.62 23.46 7.21
C GLU A 359 25.08 23.80 7.36
N ALA A 360 25.79 23.94 6.22
CA ALA A 360 27.18 24.38 6.27
C ALA A 360 27.34 25.82 6.82
N GLN A 361 26.41 26.69 6.43
CA GLN A 361 26.46 28.07 6.84
C GLN A 361 26.35 28.14 8.36
N ILE A 362 25.34 27.46 8.89
CA ILE A 362 25.19 27.40 10.35
C ILE A 362 26.35 26.83 11.07
N LEU A 363 26.92 25.70 10.59
CA LEU A 363 28.12 25.16 11.25
C LEU A 363 29.29 26.13 11.17
N ALA A 364 29.49 26.80 10.01
CA ALA A 364 30.51 27.82 9.92
C ALA A 364 30.28 28.97 10.94
N ARG A 365 29.06 29.42 11.11
CA ARG A 365 28.74 30.46 12.12
C ARG A 365 29.28 29.99 13.49
N ILE A 366 29.01 28.73 13.85
CA ILE A 366 29.50 28.20 15.14
C ILE A 366 31.00 28.18 15.24
N LEU A 367 31.67 27.62 14.26
CA LEU A 367 33.06 27.41 14.28
C LEU A 367 33.91 28.68 14.14
N ILE A 368 33.29 29.78 13.71
CA ILE A 368 34.01 31.06 13.65
C ILE A 368 34.23 31.60 15.04
N ASN A 369 33.31 31.33 15.99
CA ASN A 369 33.35 31.84 17.37
C ASN A 369 33.69 30.78 18.45
N HIS A 370 33.74 29.51 18.06
CA HIS A 370 33.85 28.40 19.04
C HIS A 370 34.62 27.26 18.46
N LYS A 371 35.28 26.48 19.32
CA LYS A 371 35.82 25.20 18.88
C LYS A 371 34.80 24.13 19.14
N VAL A 372 34.69 23.15 18.25
CA VAL A 372 33.80 22.04 18.45
C VAL A 372 34.62 20.78 18.47
N ILE A 373 34.32 19.97 19.48
CA ILE A 373 34.92 18.65 19.64
C ILE A 373 33.83 17.64 19.46
N MET A 374 34.01 16.69 18.54
CA MET A 374 33.00 15.68 18.37
C MET A 374 33.47 14.30 18.91
N VAL A 375 32.69 13.75 19.83
CA VAL A 375 32.76 12.35 20.23
C VAL A 375 31.85 11.59 19.29
N THR A 376 32.47 10.71 18.49
CA THR A 376 31.84 10.12 17.37
C THR A 376 32.57 8.82 17.00
N ASP A 377 31.91 7.99 16.22
CA ASP A 377 32.45 6.74 15.68
C ASP A 377 33.74 7.01 14.98
N SER A 378 34.73 6.11 15.14
CA SER A 378 36.06 6.32 14.59
C SER A 378 36.10 6.47 13.09
N LYS A 379 35.09 5.90 12.41
CA LYS A 379 34.88 6.01 10.93
C LYS A 379 34.84 7.46 10.53
N ASN A 380 34.47 8.34 11.47
CA ASN A 380 34.25 9.74 11.14
C ASN A 380 35.37 10.70 11.52
N TYR A 381 36.49 10.21 12.08
CA TYR A 381 37.48 11.11 12.59
C TYR A 381 38.05 11.99 11.51
N GLU A 382 38.28 11.42 10.33
CA GLU A 382 38.89 12.22 9.25
C GLU A 382 37.92 13.26 8.77
N TYR A 383 36.63 12.92 8.72
CA TYR A 383 35.64 13.92 8.32
C TYR A 383 35.63 15.10 9.31
N VAL A 384 35.63 14.76 10.58
CA VAL A 384 35.55 15.77 11.62
C VAL A 384 36.75 16.73 11.50
N LYS A 385 37.95 16.16 11.29
CA LYS A 385 39.17 16.98 11.08
C LYS A 385 39.10 17.87 9.82
N ASP A 386 38.53 17.30 8.77
CA ASP A 386 38.37 17.98 7.51
C ASP A 386 37.37 19.14 7.65
N MET A 387 36.49 19.07 8.64
CA MET A 387 35.48 20.10 8.89
C MET A 387 35.87 21.04 10.03
N PHE A 388 37.17 21.23 10.20
CA PHE A 388 37.73 22.14 11.17
C PHE A 388 37.22 21.89 12.59
N MET A 389 36.91 20.62 12.91
CA MET A 389 36.56 20.24 14.25
C MET A 389 37.64 19.25 14.77
N THR A 390 37.50 18.80 16.02
CA THR A 390 38.46 17.88 16.61
C THR A 390 37.69 16.67 17.09
N PRO A 391 38.08 15.50 16.59
CA PRO A 391 37.45 14.27 17.04
C PRO A 391 37.99 13.86 18.43
N ALA A 392 37.16 13.17 19.18
CA ALA A 392 37.59 12.57 20.47
C ALA A 392 36.96 11.21 20.64
N LYS A 393 37.69 10.27 21.26
CA LYS A 393 37.17 8.90 21.38
C LYS A 393 36.08 8.76 22.42
N ASP A 394 36.10 9.62 23.43
CA ASP A 394 35.12 9.56 24.47
C ASP A 394 35.04 10.89 25.18
N LEU A 395 34.10 11.03 26.09
CA LEU A 395 33.88 12.30 26.75
C LEU A 395 35.04 12.72 27.63
N GLY A 396 35.71 11.76 28.26
CA GLY A 396 36.94 12.05 29.00
C GLY A 396 38.05 12.71 28.19
N GLU A 397 38.35 12.13 27.02
CA GLU A 397 39.31 12.72 26.14
C GLU A 397 38.83 14.07 25.62
N ALA A 398 37.54 14.19 25.32
CA ALA A 398 37.02 15.43 24.79
C ALA A 398 37.25 16.53 25.83
N LEU A 399 36.95 16.22 27.08
CA LEU A 399 37.14 17.20 28.17
C LEU A 399 38.59 17.60 28.36
N LYS A 400 39.51 16.62 28.27
CA LYS A 400 40.97 16.94 28.36
C LYS A 400 41.39 17.89 27.22
N ILE A 401 40.85 17.68 26.01
CA ILE A 401 41.21 18.53 24.87
C ILE A 401 40.68 19.94 25.17
N ALA A 402 39.40 20.04 25.61
CA ALA A 402 38.75 21.33 25.86
C ALA A 402 39.56 22.06 26.89
N GLU A 403 39.87 21.38 27.98
CA GLU A 403 40.68 22.00 29.06
C GLU A 403 42.01 22.58 28.60
N SER A 404 42.67 21.89 27.67
CA SER A 404 43.90 22.42 27.05
C SER A 404 43.67 23.76 26.31
N ILE A 405 42.49 23.91 25.74
CA ILE A 405 42.09 25.07 24.94
C ILE A 405 41.69 26.23 25.83
N VAL A 406 40.89 25.95 26.86
CA VAL A 406 40.47 26.96 27.84
C VAL A 406 41.30 26.76 29.13
N ASN A 407 40.69 26.26 30.20
CA ASN A 407 41.37 26.01 31.51
C ASN A 407 40.89 24.67 32.10
N ASN A 408 41.69 24.08 32.99
CA ASN A 408 41.29 22.81 33.65
C ASN A 408 40.35 23.01 34.85
N ASP A 409 39.87 24.23 35.02
CA ASP A 409 38.95 24.60 36.11
C ASP A 409 37.62 25.20 35.62
N SER A 410 37.43 25.30 34.31
CA SER A 410 36.31 26.07 33.76
C SER A 410 34.98 25.44 34.13
N LYS A 411 34.01 26.18 34.65
CA LYS A 411 32.68 25.54 34.86
C LYS A 411 32.06 25.20 33.48
N ILE A 412 31.25 24.15 33.45
CA ILE A 412 30.83 23.49 32.24
C ILE A 412 29.35 23.44 32.26
N ASN A 413 28.75 23.82 31.15
CA ASN A 413 27.34 23.64 30.98
C ASN A 413 27.08 22.25 30.41
N VAL A 414 26.17 21.47 30.98
CA VAL A 414 25.79 20.13 30.44
C VAL A 414 24.40 20.15 29.92
N ILE A 415 24.23 19.88 28.63
CA ILE A 415 22.92 19.87 28.03
C ILE A 415 22.77 18.46 27.46
N PRO A 416 22.19 17.54 28.25
CA PRO A 416 22.30 16.14 27.81
C PRO A 416 21.66 15.81 26.46
N ASP A 417 20.57 16.46 26.12
CA ASP A 417 19.96 16.34 24.81
C ASP A 417 19.86 17.71 24.10
N GLY A 418 20.84 17.95 23.24
CA GLY A 418 20.97 19.20 22.52
C GLY A 418 19.88 19.54 21.51
N VAL A 419 19.19 18.53 20.99
CA VAL A 419 18.20 18.77 19.90
C VAL A 419 16.82 19.03 20.38
N SER A 420 16.55 18.63 21.62
CA SER A 420 15.26 18.81 22.25
C SER A 420 14.99 20.16 22.97
N VAL A 421 16.00 20.99 23.17
CA VAL A 421 15.86 22.16 23.97
C VAL A 421 15.90 23.45 23.13
N ILE A 422 15.42 24.53 23.77
CA ILE A 422 15.57 25.89 23.30
C ILE A 422 16.42 26.54 24.35
N VAL A 423 17.66 26.89 23.98
CA VAL A 423 18.57 27.47 24.99
C VAL A 423 18.41 29.00 24.97
N ARG A 424 18.04 29.56 26.11
CA ARG A 424 17.87 30.97 26.29
C ARG A 424 18.94 31.44 27.24
N GLU A 425 19.69 32.45 26.83
CA GLU A 425 20.69 33.11 27.67
C GLU A 425 20.07 33.80 28.86
N LYS A 426 20.64 33.52 30.03
CA LYS A 426 20.03 33.88 31.32
C LYS A 426 20.20 35.37 31.65
N ALA B 2 0.89 -36.10 -33.51
CA ALA B 2 2.06 -37.00 -33.20
C ALA B 2 2.95 -36.37 -32.12
N ASN B 3 3.52 -35.20 -32.39
CA ASN B 3 4.28 -34.47 -31.38
C ASN B 3 3.30 -33.59 -30.61
N ILE B 4 3.06 -33.92 -29.34
CA ILE B 4 2.16 -33.15 -28.46
C ILE B 4 3.00 -32.39 -27.44
N GLU B 5 2.55 -31.22 -27.04
CA GLU B 5 3.23 -30.48 -26.01
C GLU B 5 2.18 -30.28 -24.92
N ILE B 6 2.46 -30.78 -23.70
CA ILE B 6 1.51 -30.69 -22.57
C ILE B 6 2.05 -29.74 -21.50
N PRO B 7 1.36 -28.61 -21.23
CA PRO B 7 1.73 -27.78 -20.10
C PRO B 7 1.90 -28.54 -18.80
N TYR B 8 2.99 -28.23 -18.12
CA TYR B 8 3.32 -28.80 -16.84
C TYR B 8 4.19 -27.78 -16.11
N GLY B 9 3.71 -27.28 -14.98
CA GLY B 9 4.37 -26.19 -14.27
C GLY B 9 4.74 -25.04 -15.20
N LYS B 10 5.99 -24.59 -15.08
CA LYS B 10 6.47 -23.41 -15.80
C LYS B 10 6.70 -23.63 -17.30
N SER B 11 6.73 -24.89 -17.72
CA SER B 11 6.99 -25.23 -19.12
C SER B 11 6.04 -26.27 -19.72
N LYS B 12 6.42 -26.83 -20.89
CA LYS B 12 5.64 -27.80 -21.63
C LYS B 12 6.42 -29.09 -21.87
N LEU B 13 5.83 -30.21 -21.46
CA LEU B 13 6.33 -31.53 -21.74
C LEU B 13 6.23 -31.80 -23.24
N ALA B 14 7.22 -32.49 -23.79
CA ALA B 14 7.17 -32.98 -25.17
C ALA B 14 6.94 -34.49 -25.11
N PHE B 15 6.09 -35.03 -25.98
CA PHE B 15 5.86 -36.48 -26.04
C PHE B 15 5.36 -36.85 -27.42
N ASP B 16 5.78 -38.00 -27.91
CA ASP B 16 5.53 -38.42 -29.28
C ASP B 16 4.55 -39.60 -29.31
N LEU B 17 3.38 -39.39 -29.93
CA LEU B 17 2.28 -40.34 -29.85
C LEU B 17 1.86 -40.79 -31.25
N PRO B 18 1.85 -42.11 -31.53
CA PRO B 18 1.51 -42.57 -32.89
C PRO B 18 0.06 -42.27 -33.19
N ASP B 19 -0.25 -41.92 -34.44
CA ASP B 19 -1.58 -41.38 -34.74
C ASP B 19 -2.64 -42.46 -34.83
N GLU B 20 -2.23 -43.72 -35.02
CA GLU B 20 -3.16 -44.82 -34.94
C GLU B 20 -3.88 -44.85 -33.58
N ARG B 21 -3.19 -44.43 -32.52
CA ARG B 21 -3.75 -44.49 -31.18
C ARG B 21 -4.57 -43.21 -30.88
N ILE B 22 -4.40 -42.15 -31.66
CA ILE B 22 -5.05 -40.84 -31.36
C ILE B 22 -6.47 -40.78 -31.92
N GLN B 23 -7.45 -40.55 -31.05
CA GLN B 23 -8.83 -40.30 -31.50
C GLN B 23 -8.97 -38.87 -32.06
N GLY B 24 -8.61 -37.90 -31.23
CA GLY B 24 -8.58 -36.47 -31.59
C GLY B 24 -7.59 -35.71 -30.73
N ILE B 25 -7.03 -34.64 -31.28
CA ILE B 25 -6.32 -33.61 -30.54
C ILE B 25 -7.27 -32.41 -30.50
N LEU B 26 -7.72 -32.10 -29.30
CA LEU B 26 -8.82 -31.18 -29.06
C LEU B 26 -8.28 -29.87 -28.40
N ARG B 27 -8.16 -28.81 -29.19
CA ARG B 27 -7.67 -27.50 -28.71
C ARG B 27 -8.65 -26.36 -29.00
N SER B 28 -8.59 -25.31 -28.19
CA SER B 28 -9.34 -24.04 -28.42
C SER B 28 -8.83 -23.28 -29.67
N LYS B 29 -9.53 -22.23 -30.11
CA LYS B 29 -9.13 -21.47 -31.33
C LYS B 29 -8.25 -20.25 -31.01
N MET B 37 -7.60 -2.75 -32.50
CA MET B 37 -6.69 -3.87 -32.30
C MET B 37 -5.85 -3.85 -30.99
N SER B 38 -5.40 -2.70 -30.50
CA SER B 38 -4.67 -2.61 -29.19
C SER B 38 -5.57 -3.01 -27.98
N GLU B 39 -4.98 -3.53 -26.90
CA GLU B 39 -5.78 -3.94 -25.71
C GLU B 39 -6.64 -2.80 -25.16
N GLU B 40 -6.01 -1.66 -24.99
CA GLU B 40 -6.71 -0.42 -24.60
C GLU B 40 -7.90 -0.14 -25.53
N ASP B 41 -7.65 -0.18 -26.82
CA ASP B 41 -8.71 0.09 -27.76
C ASP B 41 -9.86 -0.90 -27.76
N ILE B 42 -9.56 -2.17 -27.53
CA ILE B 42 -10.57 -3.21 -27.35
C ILE B 42 -11.48 -2.85 -26.16
N VAL B 43 -10.89 -2.48 -25.03
CA VAL B 43 -11.71 -2.12 -23.85
C VAL B 43 -12.56 -0.90 -24.13
N LYS B 44 -11.94 0.08 -24.77
CA LYS B 44 -12.60 1.33 -25.09
C LYS B 44 -13.76 1.14 -26.05
N ARG B 45 -13.58 0.22 -27.01
CA ARG B 45 -14.63 -0.15 -27.91
C ARG B 45 -15.83 -0.71 -27.17
N ALA B 46 -15.58 -1.62 -26.24
CA ALA B 46 -16.66 -2.20 -25.43
C ALA B 46 -17.45 -1.15 -24.64
N LEU B 47 -16.72 -0.27 -23.97
CA LEU B 47 -17.34 0.84 -23.22
C LEU B 47 -18.11 1.80 -24.10
N GLU B 48 -17.56 2.06 -25.30
CA GLU B 48 -18.26 2.94 -26.26
C GLU B 48 -19.47 2.25 -26.89
N ASN B 49 -19.53 0.93 -26.82
CA ASN B 49 -20.63 0.22 -27.45
C ASN B 49 -21.32 -0.69 -26.51
N PRO B 50 -21.96 -0.12 -25.47
CA PRO B 50 -22.51 -0.98 -24.42
C PRO B 50 -23.64 -1.87 -24.90
N ILE B 51 -23.77 -3.05 -24.30
CA ILE B 51 -24.78 -4.05 -24.66
C ILE B 51 -25.90 -3.98 -23.65
N GLY B 52 -27.09 -3.61 -24.12
CA GLY B 52 -28.24 -3.53 -23.27
C GLY B 52 -28.31 -2.46 -22.20
N THR B 53 -27.41 -1.46 -22.23
CA THR B 53 -27.50 -0.29 -21.37
C THR B 53 -26.91 0.90 -22.10
N LYS B 54 -27.18 2.09 -21.55
CA LYS B 54 -26.51 3.33 -21.95
C LYS B 54 -25.05 3.19 -21.49
N ARG B 55 -24.24 4.13 -21.91
CA ARG B 55 -22.83 4.12 -21.53
C ARG B 55 -22.70 4.35 -20.04
N LEU B 56 -21.68 3.74 -19.46
CA LEU B 56 -21.36 3.94 -18.04
C LEU B 56 -21.23 5.45 -17.68
N GLN B 57 -20.64 6.28 -18.52
CA GLN B 57 -20.62 7.74 -18.21
C GLN B 57 -22.01 8.33 -17.98
N ASP B 58 -23.01 7.84 -18.71
CA ASP B 58 -24.39 8.30 -18.53
C ASP B 58 -25.01 7.73 -17.28
N LEU B 59 -24.76 6.45 -17.04
CA LEU B 59 -25.28 5.78 -15.85
C LEU B 59 -24.67 6.40 -14.57
N ALA B 60 -23.39 6.76 -14.60
CA ALA B 60 -22.74 7.40 -13.48
C ALA B 60 -23.06 8.89 -13.28
N GLU B 61 -23.61 9.57 -14.28
CA GLU B 61 -23.94 11.02 -14.11
C GLU B 61 -24.91 11.24 -12.96
N GLY B 62 -24.55 12.16 -12.07
CA GLY B 62 -25.38 12.45 -10.92
C GLY B 62 -25.36 11.46 -9.75
N LYS B 63 -24.62 10.35 -9.88
CA LYS B 63 -24.47 9.34 -8.80
C LYS B 63 -23.25 9.67 -7.97
N LYS B 64 -23.46 9.96 -6.67
CA LYS B 64 -22.38 10.38 -5.78
C LYS B 64 -21.54 9.17 -5.35
N ASN B 65 -22.14 8.09 -4.83
CA ASN B 65 -21.33 6.93 -4.37
C ASN B 65 -21.35 5.75 -5.32
N ILE B 66 -20.17 5.48 -5.88
CA ILE B 66 -20.02 4.48 -6.90
C ILE B 66 -19.02 3.42 -6.44
N VAL B 67 -19.36 2.16 -6.67
CA VAL B 67 -18.54 1.03 -6.35
C VAL B 67 -18.27 0.23 -7.62
N ILE B 68 -16.98 0.00 -7.89
CA ILE B 68 -16.53 -0.97 -8.91
C ILE B 68 -16.04 -2.24 -8.21
N ILE B 69 -16.67 -3.35 -8.49
CA ILE B 69 -16.18 -4.65 -7.98
C ILE B 69 -15.09 -5.13 -8.98
N THR B 70 -13.95 -5.53 -8.44
CA THR B 70 -12.90 -6.11 -9.25
C THR B 70 -12.47 -7.43 -8.65
N SER B 71 -11.81 -8.26 -9.46
CA SER B 71 -11.44 -9.59 -9.03
C SER B 71 -10.23 -9.56 -8.11
N ASP B 72 -10.01 -10.66 -7.42
CA ASP B 72 -8.95 -10.78 -6.43
C ASP B 72 -7.63 -11.34 -6.98
N HIS B 73 -6.72 -11.60 -6.04
CA HIS B 73 -5.36 -12.01 -6.36
C HIS B 73 -5.31 -13.34 -7.15
N THR B 74 -6.38 -14.12 -7.12
CA THR B 74 -6.40 -15.42 -7.79
C THR B 74 -6.80 -15.31 -9.27
N ARG B 75 -7.19 -14.11 -9.73
CA ARG B 75 -7.71 -13.93 -11.07
C ARG B 75 -6.83 -13.03 -11.94
N PRO B 76 -6.55 -13.41 -13.18
CA PRO B 76 -5.62 -12.58 -13.94
C PRO B 76 -6.33 -11.52 -14.81
N VAL B 77 -7.31 -10.82 -14.22
CA VAL B 77 -7.91 -9.65 -14.87
C VAL B 77 -6.82 -8.61 -15.05
N PRO B 78 -6.60 -8.11 -16.28
CA PRO B 78 -5.54 -7.13 -16.48
C PRO B 78 -5.99 -5.72 -15.98
N SER B 79 -6.26 -5.60 -14.69
CA SER B 79 -6.83 -4.35 -14.14
C SER B 79 -5.99 -3.08 -14.29
N ARG B 80 -4.68 -3.21 -14.49
CA ARG B 80 -3.82 -2.07 -14.80
C ARG B 80 -4.29 -1.37 -16.05
N ILE B 81 -4.89 -2.13 -16.96
CA ILE B 81 -5.45 -1.58 -18.18
C ILE B 81 -6.91 -1.19 -17.99
N THR B 82 -7.67 -2.11 -17.42
CA THR B 82 -9.15 -1.92 -17.36
C THR B 82 -9.61 -0.86 -16.36
N LEU B 83 -9.04 -0.85 -15.16
CA LEU B 83 -9.51 0.09 -14.11
C LEU B 83 -9.35 1.60 -14.46
N PRO B 84 -8.18 2.02 -14.99
CA PRO B 84 -8.08 3.44 -15.36
C PRO B 84 -9.10 3.87 -16.42
N LEU B 85 -9.49 2.97 -17.31
CA LEU B 85 -10.44 3.33 -18.36
C LEU B 85 -11.85 3.39 -17.81
N LEU B 86 -12.19 2.48 -16.87
CA LEU B 86 -13.47 2.52 -16.13
C LEU B 86 -13.60 3.79 -15.30
N LEU B 87 -12.55 4.13 -14.53
CA LEU B 87 -12.51 5.34 -13.74
C LEU B 87 -12.63 6.57 -14.58
N ASP B 88 -12.03 6.54 -15.76
CA ASP B 88 -12.11 7.66 -16.67
C ASP B 88 -13.53 7.80 -17.16
N GLU B 89 -14.12 6.67 -17.57
CA GLU B 89 -15.49 6.64 -18.09
C GLU B 89 -16.49 7.16 -17.04
N ILE B 90 -16.35 6.70 -15.80
CA ILE B 90 -17.26 7.10 -14.70
C ILE B 90 -17.17 8.59 -14.44
N ARG B 91 -15.98 9.15 -14.60
CA ARG B 91 -15.70 10.53 -14.28
C ARG B 91 -16.01 11.50 -15.40
N LYS B 92 -16.34 10.98 -16.57
CA LYS B 92 -16.55 11.86 -17.75
C LYS B 92 -17.60 12.96 -17.51
N LYS B 93 -18.74 12.59 -16.93
CA LYS B 93 -19.83 13.52 -16.67
C LYS B 93 -20.06 13.58 -15.15
N ASN B 94 -18.97 13.39 -14.39
CA ASN B 94 -19.08 13.26 -12.95
C ASN B 94 -17.69 13.24 -12.33
N LYS B 95 -17.02 14.40 -12.38
CA LYS B 95 -15.63 14.54 -11.94
C LYS B 95 -15.45 14.28 -10.44
N SER B 96 -16.49 14.50 -9.64
CA SER B 96 -16.45 14.39 -8.16
C SER B 96 -17.13 13.15 -7.61
N ALA B 97 -17.32 12.16 -8.48
CA ALA B 97 -17.83 10.89 -8.09
C ALA B 97 -16.88 10.36 -7.02
N ASN B 98 -17.47 9.78 -5.99
CA ASN B 98 -16.73 9.09 -4.95
C ASN B 98 -16.74 7.59 -5.28
N VAL B 99 -15.62 7.09 -5.80
CA VAL B 99 -15.54 5.73 -6.35
C VAL B 99 -14.66 4.85 -5.44
N LYS B 100 -15.25 3.76 -5.00
CA LYS B 100 -14.56 2.75 -4.24
C LYS B 100 -14.42 1.54 -5.15
N ILE B 101 -13.30 0.85 -5.06
CA ILE B 101 -13.04 -0.39 -5.78
C ILE B 101 -13.02 -1.47 -4.74
N LEU B 102 -14.02 -2.35 -4.83
CA LEU B 102 -14.24 -3.41 -3.91
C LEU B 102 -13.69 -4.75 -4.45
N ILE B 103 -12.67 -5.32 -3.79
CA ILE B 103 -12.02 -6.56 -4.30
C ILE B 103 -12.84 -7.79 -3.91
N ALA B 104 -13.37 -8.50 -4.91
CA ALA B 104 -14.28 -9.64 -4.71
C ALA B 104 -13.47 -10.93 -4.39
N THR B 105 -13.13 -11.07 -3.12
CA THR B 105 -12.35 -12.16 -2.60
C THR B 105 -13.16 -13.43 -2.46
N GLY B 106 -14.48 -13.30 -2.48
CA GLY B 106 -15.34 -14.44 -2.25
C GLY B 106 -14.95 -15.15 -0.97
N PHE B 107 -14.72 -16.45 -1.05
CA PHE B 107 -14.37 -17.30 0.06
C PHE B 107 -12.92 -17.14 0.51
N HIS B 108 -12.09 -16.58 -0.35
CA HIS B 108 -10.67 -16.50 -0.14
C HIS B 108 -10.26 -15.61 1.00
N ARG B 109 -9.04 -15.86 1.47
CA ARG B 109 -8.39 -14.97 2.42
C ARG B 109 -8.18 -13.65 1.72
N GLY B 110 -8.10 -12.58 2.47
CA GLY B 110 -7.80 -11.27 1.84
C GLY B 110 -6.49 -11.08 1.10
N THR B 111 -6.58 -10.33 0.00
CA THR B 111 -5.49 -9.87 -0.82
C THR B 111 -4.54 -9.02 0.03
N THR B 112 -3.23 -9.24 -0.13
CA THR B 112 -2.21 -8.53 0.64
C THR B 112 -1.89 -7.29 -0.14
N LEU B 113 -1.24 -6.34 0.51
CA LEU B 113 -0.82 -5.14 -0.18
C LEU B 113 0.16 -5.50 -1.31
N GLN B 114 1.01 -6.51 -1.15
CA GLN B 114 1.99 -6.76 -2.20
C GLN B 114 1.29 -7.24 -3.46
N GLU B 115 0.21 -7.98 -3.24
CA GLU B 115 -0.56 -8.56 -4.32
C GLU B 115 -1.36 -7.48 -5.02
N MET B 116 -1.88 -6.53 -4.25
CA MET B 116 -2.54 -5.36 -4.82
C MET B 116 -1.56 -4.56 -5.66
N LYS B 117 -0.34 -4.31 -5.18
CA LYS B 117 0.69 -3.68 -6.02
C LYS B 117 0.91 -4.45 -7.32
N ALA B 118 1.03 -5.76 -7.25
CA ALA B 118 1.32 -6.51 -8.46
C ALA B 118 0.20 -6.38 -9.46
N LYS B 119 -1.03 -6.50 -8.98
CA LYS B 119 -2.21 -6.47 -9.84
C LYS B 119 -2.56 -5.07 -10.35
N PHE B 120 -2.52 -4.08 -9.47
CA PHE B 120 -3.01 -2.76 -9.83
C PHE B 120 -1.90 -1.73 -10.03
N GLY B 121 -0.72 -1.98 -9.44
CA GLY B 121 0.37 -0.99 -9.43
C GLY B 121 0.28 0.02 -8.28
N GLU B 122 1.42 0.58 -7.92
CA GLU B 122 1.57 1.37 -6.72
C GLU B 122 0.72 2.63 -6.73
N ASP B 123 0.78 3.37 -7.84
CA ASP B 123 0.05 4.61 -7.92
C ASP B 123 -1.44 4.37 -7.76
N LEU B 124 -2.00 3.40 -8.48
CA LEU B 124 -3.42 3.20 -8.44
C LEU B 124 -3.88 2.77 -7.03
N VAL B 125 -3.12 1.87 -6.38
CA VAL B 125 -3.42 1.42 -5.04
C VAL B 125 -3.47 2.55 -4.03
N GLU B 126 -2.47 3.41 -4.10
CA GLU B 126 -2.44 4.65 -3.32
C GLU B 126 -3.54 5.67 -3.61
N ASN B 127 -3.64 6.03 -4.89
CA ASN B 127 -4.40 7.18 -5.31
C ASN B 127 -5.89 6.96 -5.25
N GLU B 128 -6.32 5.71 -5.39
CA GLU B 128 -7.75 5.39 -5.34
C GLU B 128 -8.14 4.63 -4.06
N GLN B 129 -9.44 4.51 -3.81
CA GLN B 129 -9.96 3.90 -2.65
C GLN B 129 -10.24 2.42 -2.98
N PHE B 130 -9.42 1.53 -2.46
CA PHE B 130 -9.52 0.07 -2.61
C PHE B 130 -9.92 -0.52 -1.28
N VAL B 131 -10.92 -1.39 -1.30
CA VAL B 131 -11.48 -2.01 -0.12
C VAL B 131 -11.52 -3.50 -0.40
N VAL B 132 -11.08 -4.31 0.56
CA VAL B 132 -11.07 -5.76 0.39
C VAL B 132 -12.28 -6.40 1.05
N HIS B 133 -13.09 -7.16 0.29
CA HIS B 133 -14.20 -7.83 0.86
C HIS B 133 -13.76 -8.89 1.87
N ASP B 134 -14.46 -8.95 3.00
CA ASP B 134 -14.23 -10.00 4.02
C ASP B 134 -15.55 -10.72 4.23
N SER B 135 -15.70 -11.89 3.62
CA SER B 135 -16.95 -12.65 3.70
C SER B 135 -17.24 -13.07 5.14
N ARG B 136 -16.24 -13.02 6.00
CA ARG B 136 -16.40 -13.46 7.37
C ARG B 136 -16.73 -12.37 8.38
N ASN B 137 -16.75 -11.11 7.93
CA ASN B 137 -17.13 -9.98 8.76
C ASN B 137 -18.61 -9.79 8.69
N SER B 138 -19.36 -10.40 9.59
CA SER B 138 -20.80 -10.42 9.48
C SER B 138 -21.43 -9.04 9.67
N GLU B 139 -20.89 -8.22 10.57
CA GLU B 139 -21.39 -6.85 10.75
C GLU B 139 -21.39 -6.06 9.42
N ASN B 140 -20.52 -6.43 8.48
CA ASN B 140 -20.45 -5.76 7.19
C ASN B 140 -21.25 -6.38 6.07
N MET B 141 -22.02 -7.43 6.41
CA MET B 141 -22.89 -8.07 5.45
C MET B 141 -24.32 -7.66 5.69
N GLU B 142 -25.06 -7.46 4.61
CA GLU B 142 -26.45 -7.10 4.72
C GLU B 142 -27.37 -8.09 3.99
N LEU B 143 -28.46 -8.46 4.65
CA LEU B 143 -29.51 -9.30 4.09
C LEU B 143 -30.33 -8.52 3.12
N ILE B 144 -30.37 -8.94 1.85
CA ILE B 144 -31.10 -8.22 0.80
C ILE B 144 -32.22 -9.00 0.10
N GLY B 145 -32.43 -10.25 0.45
CA GLY B 145 -33.36 -11.10 -0.29
C GLY B 145 -33.27 -12.56 0.10
N THR B 146 -34.08 -13.36 -0.59
CA THR B 146 -34.06 -14.81 -0.47
C THR B 146 -33.98 -15.34 -1.93
N LEU B 147 -33.13 -16.32 -2.15
CA LEU B 147 -32.78 -16.79 -3.50
C LEU B 147 -33.92 -17.62 -4.15
N PRO B 148 -33.82 -17.93 -5.45
CA PRO B 148 -34.79 -18.87 -6.05
C PRO B 148 -34.76 -20.26 -5.35
N SER B 149 -33.57 -20.69 -4.92
CA SER B 149 -33.41 -21.96 -4.22
C SER B 149 -33.91 -22.02 -2.76
N GLY B 150 -34.24 -20.86 -2.20
CA GLY B 150 -34.73 -20.75 -0.82
C GLY B 150 -33.76 -20.14 0.17
N GLY B 151 -32.47 -20.08 -0.15
CA GLY B 151 -31.49 -19.51 0.79
C GLY B 151 -31.58 -17.99 0.94
N LYS B 152 -31.11 -17.50 2.09
CA LYS B 152 -30.88 -16.09 2.32
C LYS B 152 -29.73 -15.57 1.43
N LEU B 153 -29.78 -14.29 1.11
CA LEU B 153 -28.74 -13.60 0.36
C LEU B 153 -28.25 -12.39 1.12
N GLU B 154 -26.97 -12.44 1.50
CA GLU B 154 -26.31 -11.39 2.26
C GLU B 154 -25.04 -11.01 1.51
N ILE B 155 -24.88 -9.74 1.24
CA ILE B 155 -23.70 -9.22 0.51
C ILE B 155 -23.08 -8.00 1.20
N ASN B 156 -21.90 -7.61 0.74
CA ASN B 156 -21.19 -6.56 1.35
C ASN B 156 -21.98 -5.21 1.35
N LYS B 157 -22.10 -4.59 2.54
CA LYS B 157 -22.86 -3.35 2.68
C LYS B 157 -22.39 -2.23 1.75
N LEU B 158 -21.09 -2.15 1.45
CA LEU B 158 -20.62 -1.08 0.60
C LEU B 158 -21.30 -1.16 -0.75
N ALA B 159 -21.50 -2.38 -1.25
CA ALA B 159 -22.20 -2.58 -2.54
C ALA B 159 -23.70 -2.25 -2.49
N VAL B 160 -24.37 -2.68 -1.42
CA VAL B 160 -25.80 -2.43 -1.23
C VAL B 160 -26.01 -0.95 -1.18
N GLU B 161 -25.10 -0.24 -0.51
CA GLU B 161 -25.31 1.18 -0.28
C GLU B 161 -24.98 2.06 -1.48
N ALA B 162 -24.26 1.54 -2.46
CA ALA B 162 -23.87 2.34 -3.64
C ALA B 162 -25.00 2.94 -4.39
N ASP B 163 -24.80 4.14 -4.87
CA ASP B 163 -25.70 4.74 -5.85
C ASP B 163 -25.59 4.05 -7.19
N LEU B 164 -24.39 3.59 -7.53
CA LEU B 164 -24.22 2.79 -8.78
C LEU B 164 -23.23 1.71 -8.49
N LEU B 165 -23.61 0.47 -8.77
CA LEU B 165 -22.79 -0.71 -8.55
C LEU B 165 -22.40 -1.30 -9.90
N VAL B 166 -21.09 -1.44 -10.09
CA VAL B 166 -20.48 -1.79 -11.37
C VAL B 166 -19.47 -2.93 -11.07
N ALA B 167 -19.18 -3.76 -12.04
CA ALA B 167 -18.17 -4.79 -11.87
C ALA B 167 -17.33 -5.00 -13.13
N GLU B 168 -16.04 -5.26 -12.92
CA GLU B 168 -15.17 -5.79 -13.97
C GLU B 168 -14.74 -7.23 -13.68
N GLY B 169 -14.25 -7.90 -14.70
CA GLY B 169 -13.94 -9.29 -14.55
C GLY B 169 -13.65 -9.87 -15.92
N PHE B 170 -13.61 -11.17 -15.96
CA PHE B 170 -13.21 -11.85 -17.22
C PHE B 170 -14.10 -13.06 -17.45
N ILE B 171 -14.17 -13.49 -18.71
CA ILE B 171 -15.02 -14.64 -19.10
C ILE B 171 -14.15 -15.75 -19.70
N GLU B 172 -14.21 -16.89 -19.02
CA GLU B 172 -13.60 -18.17 -19.40
C GLU B 172 -14.53 -19.30 -18.91
N PRO B 173 -14.29 -20.52 -19.40
CA PRO B 173 -15.04 -21.67 -18.91
C PRO B 173 -14.83 -21.89 -17.43
N HIS B 174 -15.88 -22.32 -16.73
CA HIS B 174 -15.82 -22.63 -15.32
C HIS B 174 -16.49 -23.97 -15.10
N PHE B 175 -15.80 -24.90 -14.42
CA PHE B 175 -16.25 -26.29 -14.30
C PHE B 175 -17.59 -26.61 -13.61
N PHE B 176 -18.13 -25.68 -12.83
CA PHE B 176 -19.44 -25.83 -12.26
C PHE B 176 -20.41 -24.66 -12.43
N ALA B 177 -19.89 -23.43 -12.61
CA ALA B 177 -20.71 -22.24 -12.90
C ALA B 177 -20.93 -21.97 -14.38
N GLY B 178 -20.43 -22.84 -15.25
CA GLY B 178 -20.54 -22.67 -16.68
C GLY B 178 -19.43 -21.82 -17.21
N PHE B 179 -19.52 -20.54 -16.86
CA PHE B 179 -18.50 -19.55 -17.17
C PHE B 179 -18.25 -18.70 -15.96
N SER B 180 -17.04 -18.16 -15.89
CA SER B 180 -16.76 -17.06 -14.98
C SER B 180 -17.40 -15.75 -15.44
N GLY B 181 -17.25 -14.73 -14.61
CA GLY B 181 -17.66 -13.37 -14.89
C GLY B 181 -19.08 -12.95 -14.59
N GLY B 182 -19.43 -11.75 -15.03
CA GLY B 182 -20.78 -11.23 -14.85
C GLY B 182 -21.26 -11.32 -13.40
N ARG B 183 -22.42 -11.93 -13.22
CA ARG B 183 -23.01 -12.18 -11.91
C ARG B 183 -22.12 -12.73 -10.79
N LYS B 184 -21.02 -13.42 -11.15
CA LYS B 184 -20.18 -14.11 -10.14
C LYS B 184 -19.43 -13.08 -9.26
N SER B 185 -19.30 -11.87 -9.77
CA SER B 185 -18.80 -10.71 -8.97
C SER B 185 -19.63 -10.46 -7.69
N ILE B 186 -20.92 -10.79 -7.73
CA ILE B 186 -21.82 -10.61 -6.60
C ILE B 186 -21.83 -11.84 -5.69
N LEU B 187 -22.17 -13.01 -6.27
CA LEU B 187 -22.25 -14.30 -5.56
C LEU B 187 -21.39 -15.27 -6.34
N PRO B 188 -20.26 -15.70 -5.78
CA PRO B 188 -19.78 -15.50 -4.36
C PRO B 188 -18.96 -14.25 -4.06
N GLY B 189 -18.67 -13.42 -5.08
CA GLY B 189 -17.54 -12.45 -5.03
C GLY B 189 -17.58 -11.54 -3.84
N ILE B 190 -18.78 -11.02 -3.53
CA ILE B 190 -18.94 -10.12 -2.40
C ILE B 190 -20.04 -10.57 -1.44
N ALA B 191 -20.24 -11.88 -1.35
CA ALA B 191 -21.31 -12.49 -0.54
C ALA B 191 -20.79 -12.87 0.85
N SER B 192 -21.71 -13.11 1.76
CA SER B 192 -21.37 -13.62 3.09
C SER B 192 -20.85 -15.03 2.99
N VAL B 193 -20.03 -15.42 3.98
CA VAL B 193 -19.38 -16.73 3.97
C VAL B 193 -20.46 -17.81 3.93
N GLN B 194 -21.49 -17.61 4.72
CA GLN B 194 -22.59 -18.57 4.80
C GLN B 194 -23.28 -18.76 3.45
N CYS B 195 -23.50 -17.66 2.73
CA CYS B 195 -24.12 -17.69 1.40
C CYS B 195 -23.17 -18.32 0.38
N ILE B 196 -21.91 -17.99 0.48
CA ILE B 196 -20.98 -18.62 -0.40
C ILE B 196 -21.00 -20.14 -0.23
N LEU B 197 -20.98 -20.61 1.02
CA LEU B 197 -20.96 -22.06 1.22
C LEU B 197 -22.24 -22.70 0.66
N ALA B 198 -23.38 -22.04 0.86
CA ALA B 198 -24.72 -22.51 0.40
C ALA B 198 -24.79 -22.63 -1.12
N ASN B 199 -24.16 -21.68 -1.81
CA ASN B 199 -24.06 -21.67 -3.27
C ASN B 199 -23.19 -22.80 -3.85
N HIS B 200 -22.32 -23.41 -3.04
CA HIS B 200 -21.54 -24.57 -3.39
C HIS B 200 -22.09 -25.87 -2.71
N CYS B 201 -23.37 -25.88 -2.34
CA CYS B 201 -23.86 -27.04 -1.63
C CYS B 201 -23.85 -28.31 -2.49
N SER B 202 -23.85 -29.45 -1.81
CA SER B 202 -23.87 -30.76 -2.48
C SER B 202 -25.04 -30.93 -3.45
N GLU B 203 -26.21 -30.41 -3.12
CA GLU B 203 -27.33 -30.52 -4.02
C GLU B 203 -27.15 -29.73 -5.34
N PHE B 204 -26.44 -28.59 -5.28
CA PHE B 204 -26.18 -27.80 -6.48
C PHE B 204 -25.04 -28.44 -7.25
N ILE B 205 -24.02 -28.84 -6.54
CA ILE B 205 -22.86 -29.38 -7.23
C ILE B 205 -23.14 -30.70 -7.95
N LYS B 206 -24.09 -31.50 -7.43
CA LYS B 206 -24.44 -32.77 -8.06
C LYS B 206 -25.27 -32.61 -9.33
N ASN B 207 -25.81 -31.43 -9.54
CA ASN B 207 -26.79 -31.20 -10.62
C ASN B 207 -26.12 -31.39 -11.96
N PRO B 208 -26.80 -32.11 -12.92
CA PRO B 208 -26.09 -32.44 -14.15
C PRO B 208 -25.91 -31.22 -15.05
N TYR B 209 -26.50 -30.08 -14.70
CA TYR B 209 -26.29 -28.85 -15.47
C TYR B 209 -25.25 -27.93 -14.86
N ALA B 210 -24.74 -28.32 -13.71
CA ALA B 210 -23.68 -27.59 -13.03
C ALA B 210 -22.34 -28.00 -13.64
N ARG B 211 -22.07 -27.59 -14.87
CA ARG B 211 -20.93 -28.15 -15.65
C ARG B 211 -20.33 -27.10 -16.55
N THR B 212 -19.13 -27.37 -17.02
CA THR B 212 -18.42 -26.45 -17.91
C THR B 212 -19.28 -25.99 -19.11
N GLY B 213 -19.32 -24.67 -19.33
CA GLY B 213 -20.02 -24.06 -20.43
C GLY B 213 -21.55 -24.13 -20.46
N VAL B 214 -22.17 -24.56 -19.36
CA VAL B 214 -23.58 -24.68 -19.19
C VAL B 214 -24.13 -23.63 -18.21
N LEU B 215 -25.07 -22.86 -18.71
CA LEU B 215 -25.74 -21.87 -17.91
C LEU B 215 -27.21 -22.23 -17.78
N GLU B 216 -27.84 -22.62 -18.89
CA GLU B 216 -29.26 -22.93 -18.87
C GLU B 216 -29.52 -24.09 -17.94
N ASN B 217 -30.49 -23.91 -17.01
CA ASN B 217 -30.83 -24.89 -15.95
C ASN B 217 -29.75 -25.18 -14.92
N ASN B 218 -28.63 -24.43 -14.97
CA ASN B 218 -27.58 -24.59 -13.98
C ASN B 218 -28.06 -23.88 -12.70
N PRO B 219 -28.26 -24.62 -11.59
CA PRO B 219 -28.94 -23.97 -10.44
C PRO B 219 -28.03 -22.99 -9.74
N ILE B 220 -26.73 -23.16 -9.95
CA ILE B 220 -25.74 -22.31 -9.29
C ILE B 220 -25.82 -20.98 -9.96
N HIS B 221 -25.80 -21.04 -11.28
CA HIS B 221 -26.03 -19.88 -12.14
C HIS B 221 -27.35 -19.18 -11.87
N ARG B 222 -28.43 -19.93 -11.72
CA ARG B 222 -29.72 -19.33 -11.43
C ARG B 222 -29.66 -18.44 -10.16
N ASP B 223 -29.03 -18.95 -9.09
CA ASP B 223 -28.95 -18.24 -7.85
C ASP B 223 -28.07 -17.01 -7.98
N MET B 224 -26.99 -17.15 -8.76
CA MET B 224 -26.11 -16.01 -8.94
C MET B 224 -26.80 -14.87 -9.69
N ILE B 225 -27.58 -15.19 -10.73
CA ILE B 225 -28.26 -14.17 -11.53
C ILE B 225 -29.30 -13.45 -10.68
N TYR B 226 -29.97 -14.20 -9.80
CA TYR B 226 -30.95 -13.61 -8.91
C TYR B 226 -30.24 -12.63 -7.95
N ALA B 227 -29.09 -13.03 -7.45
CA ALA B 227 -28.32 -12.24 -6.50
C ALA B 227 -27.84 -10.94 -7.16
N ALA B 228 -27.33 -10.99 -8.40
CA ALA B 228 -26.87 -9.76 -9.09
C ALA B 228 -28.04 -8.82 -9.33
N LYS B 229 -29.21 -9.37 -9.62
CA LYS B 229 -30.38 -8.52 -9.82
C LYS B 229 -30.73 -7.83 -8.50
N LYS B 230 -30.64 -8.57 -7.40
CA LYS B 230 -31.05 -8.06 -6.07
C LYS B 230 -30.09 -7.04 -5.59
N ALA B 231 -28.81 -7.24 -5.93
CA ALA B 231 -27.75 -6.31 -5.61
C ALA B 231 -27.72 -5.06 -6.49
N ASN B 232 -28.60 -4.96 -7.47
CA ASN B 232 -28.61 -3.83 -8.44
C ASN B 232 -27.28 -3.62 -9.21
N LEU B 233 -26.64 -4.74 -9.57
CA LEU B 233 -25.46 -4.68 -10.46
C LEU B 233 -25.90 -4.09 -11.81
N ALA B 234 -25.44 -2.87 -12.09
CA ALA B 234 -25.97 -1.98 -13.14
C ALA B 234 -25.20 -1.98 -14.45
N PHE B 235 -23.93 -2.38 -14.38
CA PHE B 235 -23.05 -2.30 -15.56
C PHE B 235 -21.85 -3.22 -15.32
N ILE B 236 -21.40 -3.96 -16.34
CA ILE B 236 -20.18 -4.69 -16.22
C ILE B 236 -19.27 -4.38 -17.37
N LEU B 237 -17.98 -4.57 -17.11
CA LEU B 237 -16.97 -4.72 -18.16
C LEU B 237 -16.30 -6.08 -17.94
N ASN B 238 -16.44 -6.96 -18.91
CA ASN B 238 -15.75 -8.27 -18.83
C ASN B 238 -14.88 -8.48 -20.07
N VAL B 239 -13.62 -8.76 -19.84
CA VAL B 239 -12.69 -9.06 -20.92
C VAL B 239 -12.54 -10.55 -21.17
N VAL B 240 -11.96 -10.87 -22.31
CA VAL B 240 -11.64 -12.25 -22.66
C VAL B 240 -10.16 -12.15 -22.98
N ILE B 241 -9.37 -13.02 -22.37
CA ILE B 241 -7.93 -12.94 -22.48
C ILE B 241 -7.41 -14.23 -23.05
N ASP B 242 -6.36 -14.14 -23.83
CA ASP B 242 -5.70 -15.33 -24.31
C ASP B 242 -4.77 -15.90 -23.22
N SER B 243 -4.04 -16.95 -23.61
CA SER B 243 -3.16 -17.71 -22.71
C SER B 243 -2.09 -16.85 -22.01
N SER B 244 -1.66 -15.76 -22.66
CA SER B 244 -0.69 -14.78 -22.11
C SER B 244 -1.26 -13.75 -21.13
N HIS B 245 -2.58 -13.75 -20.95
CA HIS B 245 -3.34 -12.68 -20.26
C HIS B 245 -3.39 -11.40 -21.08
N LYS B 246 -3.26 -11.51 -22.41
CA LYS B 246 -3.52 -10.37 -23.28
C LYS B 246 -5.02 -10.32 -23.57
N ILE B 247 -5.60 -9.11 -23.54
CA ILE B 247 -6.99 -8.88 -23.86
C ILE B 247 -7.19 -9.10 -25.37
N VAL B 248 -8.11 -9.97 -25.73
CA VAL B 248 -8.43 -10.23 -27.15
C VAL B 248 -9.86 -9.82 -27.49
N ASN B 249 -10.72 -9.65 -26.50
CA ASN B 249 -12.05 -9.14 -26.74
C ASN B 249 -12.61 -8.57 -25.43
N ALA B 250 -13.68 -7.80 -25.52
CA ALA B 250 -14.29 -7.15 -24.35
C ALA B 250 -15.75 -6.88 -24.59
N PHE B 251 -16.53 -6.98 -23.50
CA PHE B 251 -17.94 -6.82 -23.53
C PHE B 251 -18.38 -6.01 -22.30
N ALA B 252 -19.15 -4.96 -22.53
CA ALA B 252 -19.64 -4.08 -21.46
C ALA B 252 -21.15 -3.83 -21.60
N GLY B 253 -21.79 -3.49 -20.48
CA GLY B 253 -23.19 -3.18 -20.49
C GLY B 253 -23.97 -3.89 -19.41
N HIS B 254 -25.14 -4.35 -19.81
CA HIS B 254 -26.10 -4.98 -18.94
C HIS B 254 -25.46 -6.24 -18.33
N SER B 255 -25.67 -6.43 -17.04
CA SER B 255 -24.90 -7.45 -16.31
C SER B 255 -25.16 -8.90 -16.78
N GLU B 256 -26.36 -9.15 -17.27
CA GLU B 256 -26.70 -10.40 -17.91
C GLU B 256 -26.43 -10.40 -19.42
N LYS B 257 -26.98 -9.43 -20.16
CA LYS B 257 -26.84 -9.41 -21.65
C LYS B 257 -25.40 -9.33 -22.15
N ALA B 258 -24.58 -8.47 -21.52
CA ALA B 258 -23.21 -8.33 -21.92
C ALA B 258 -22.44 -9.58 -21.56
N HIS B 259 -22.80 -10.22 -20.45
CA HIS B 259 -22.11 -11.42 -20.04
C HIS B 259 -22.47 -12.53 -21.02
N LEU B 260 -23.75 -12.69 -21.33
CA LEU B 260 -24.20 -13.73 -22.27
C LEU B 260 -23.48 -13.58 -23.62
N LYS B 261 -23.37 -12.34 -24.15
CA LYS B 261 -22.69 -12.10 -25.42
C LYS B 261 -21.25 -12.55 -25.31
N GLY B 262 -20.62 -12.25 -24.18
CA GLY B 262 -19.27 -12.65 -24.00
C GLY B 262 -19.16 -14.16 -23.88
N CYS B 263 -20.10 -14.82 -23.19
CA CYS B 263 -20.09 -16.30 -23.05
C CYS B 263 -20.28 -17.00 -24.38
N GLU B 264 -21.08 -16.41 -25.26
CA GLU B 264 -21.30 -16.99 -26.62
C GLU B 264 -19.98 -16.91 -27.40
N PHE B 265 -19.24 -15.83 -27.23
CA PHE B 265 -17.93 -15.70 -27.87
C PHE B 265 -16.95 -16.74 -27.34
N VAL B 266 -16.88 -16.86 -26.01
CA VAL B 266 -15.97 -17.84 -25.41
C VAL B 266 -16.39 -19.23 -25.85
N SER B 267 -17.71 -19.54 -25.89
CA SER B 267 -18.19 -20.82 -26.40
C SER B 267 -17.66 -21.13 -27.79
N GLU B 268 -17.68 -20.12 -28.65
CA GLU B 268 -17.20 -20.26 -30.03
C GLU B 268 -15.72 -20.61 -30.08
N ILE B 269 -14.93 -19.98 -29.22
CA ILE B 269 -13.49 -20.22 -29.15
C ILE B 269 -13.10 -21.53 -28.47
N ALA B 270 -13.83 -21.89 -27.44
CA ALA B 270 -13.34 -22.85 -26.43
C ALA B 270 -13.94 -24.24 -26.60
N THR B 271 -15.06 -24.33 -27.31
CA THR B 271 -15.78 -25.57 -27.44
C THR B 271 -15.00 -26.53 -28.32
N VAL B 272 -14.91 -27.78 -27.89
CA VAL B 272 -14.28 -28.84 -28.68
C VAL B 272 -15.20 -30.03 -28.64
N ASN B 273 -15.30 -30.74 -29.77
CA ASN B 273 -16.18 -31.90 -29.82
C ASN B 273 -15.31 -33.17 -29.71
N ALA B 274 -15.64 -34.03 -28.74
CA ALA B 274 -14.88 -35.25 -28.48
C ALA B 274 -15.78 -36.46 -28.70
N LYS B 275 -15.23 -37.48 -29.34
CA LYS B 275 -15.85 -38.81 -29.32
C LYS B 275 -15.20 -39.49 -28.11
N PRO B 276 -16.02 -39.96 -27.15
CA PRO B 276 -15.41 -40.54 -25.96
C PRO B 276 -14.37 -41.58 -26.36
N ALA B 277 -13.23 -41.56 -25.71
CA ALA B 277 -12.16 -42.57 -25.92
C ALA B 277 -11.91 -43.30 -24.62
N ASP B 278 -11.14 -44.39 -24.70
CA ASP B 278 -10.71 -45.14 -23.51
C ASP B 278 -9.66 -44.43 -22.67
N ILE B 279 -8.86 -43.58 -23.29
CA ILE B 279 -7.82 -42.87 -22.58
C ILE B 279 -7.88 -41.40 -22.94
N VAL B 280 -7.67 -40.51 -21.98
CA VAL B 280 -7.53 -39.09 -22.31
C VAL B 280 -6.25 -38.63 -21.66
N ILE B 281 -5.51 -37.79 -22.37
CA ILE B 281 -4.37 -37.11 -21.80
C ILE B 281 -4.62 -35.64 -21.80
N THR B 282 -4.45 -34.99 -20.65
CA THR B 282 -4.73 -33.56 -20.54
C THR B 282 -3.80 -32.90 -19.50
N SER B 283 -4.00 -31.60 -19.26
CA SER B 283 -3.23 -30.86 -18.24
C SER B 283 -4.12 -29.87 -17.54
N ASN B 284 -3.58 -29.23 -16.52
CA ASN B 284 -4.27 -28.10 -15.92
C ASN B 284 -3.71 -26.76 -16.37
N GLY B 285 -3.07 -26.73 -17.54
CA GLY B 285 -2.74 -25.48 -18.25
C GLY B 285 -1.44 -24.82 -17.81
N GLY B 286 -0.68 -25.48 -16.96
CA GLY B 286 0.60 -24.95 -16.47
C GLY B 286 0.51 -23.95 -15.35
N TYR B 287 1.68 -23.55 -14.88
CA TYR B 287 1.78 -22.55 -13.84
C TYR B 287 1.10 -21.23 -14.31
N PRO B 288 0.39 -20.55 -13.42
CA PRO B 288 0.15 -20.82 -12.01
C PRO B 288 -1.13 -21.64 -11.74
N LEU B 289 -1.68 -22.28 -12.76
CA LEU B 289 -3.00 -22.90 -12.70
C LEU B 289 -2.93 -24.35 -12.22
N ASP B 290 -1.75 -24.96 -12.24
CA ASP B 290 -1.58 -26.33 -11.83
C ASP B 290 -0.80 -26.48 -10.54
N GLN B 291 -0.97 -25.52 -9.61
CA GLN B 291 -0.10 -25.48 -8.38
C GLN B 291 -0.42 -26.48 -7.28
N ASN B 292 -1.59 -27.10 -7.34
CA ASN B 292 -1.99 -28.03 -6.30
C ASN B 292 -3.12 -28.91 -6.83
N ILE B 293 -3.41 -30.01 -6.12
CA ILE B 293 -4.30 -31.04 -6.66
C ILE B 293 -5.71 -30.48 -6.71
N TYR B 294 -6.07 -29.65 -5.74
CA TYR B 294 -7.38 -29.00 -5.69
C TYR B 294 -7.68 -28.35 -7.02
N GLN B 295 -6.70 -27.61 -7.55
CA GLN B 295 -6.89 -26.89 -8.84
C GLN B 295 -6.98 -27.85 -10.02
N SER B 296 -6.23 -28.96 -9.93
CA SER B 296 -6.16 -29.94 -11.02
C SER B 296 -7.50 -30.64 -11.32
N VAL B 297 -8.42 -30.53 -10.37
CA VAL B 297 -9.75 -31.19 -10.54
C VAL B 297 -10.47 -30.54 -11.75
N LYS B 298 -10.18 -29.26 -11.93
CA LYS B 298 -10.78 -28.49 -13.01
C LYS B 298 -10.48 -29.07 -14.38
N GLY B 299 -9.20 -29.27 -14.66
CA GLY B 299 -8.79 -30.02 -15.87
C GLY B 299 -9.24 -31.48 -15.98
N MET B 300 -9.34 -32.16 -14.86
CA MET B 300 -9.83 -33.56 -14.88
C MET B 300 -11.24 -33.61 -15.43
N THR B 301 -12.05 -32.58 -15.16
CA THR B 301 -13.43 -32.56 -15.76
C THR B 301 -13.45 -32.52 -17.32
N ALA B 302 -12.44 -31.92 -17.96
CA ALA B 302 -12.39 -32.00 -19.39
C ALA B 302 -12.03 -33.42 -19.77
N GLY B 303 -11.14 -34.06 -19.02
CA GLY B 303 -10.84 -35.46 -19.25
C GLY B 303 -12.11 -36.29 -19.13
N GLU B 304 -12.85 -36.05 -18.05
CA GLU B 304 -14.11 -36.75 -17.80
C GLU B 304 -15.05 -36.71 -19.00
N ALA B 305 -15.24 -35.52 -19.57
CA ALA B 305 -16.16 -35.36 -20.70
C ALA B 305 -15.73 -36.12 -21.94
N ALA B 306 -14.41 -36.32 -22.09
CA ALA B 306 -13.85 -36.90 -23.35
C ALA B 306 -13.51 -38.40 -23.26
N CYS B 307 -13.82 -39.00 -22.13
CA CYS B 307 -13.37 -40.31 -21.74
C CYS B 307 -14.61 -41.15 -21.52
N LYS B 308 -14.62 -42.36 -22.06
CA LYS B 308 -15.69 -43.31 -21.80
C LYS B 308 -15.74 -43.64 -20.32
N ASP B 309 -16.94 -43.96 -19.83
CA ASP B 309 -17.07 -44.53 -18.50
C ASP B 309 -16.18 -45.76 -18.34
N GLY B 310 -15.43 -45.78 -17.25
CA GLY B 310 -14.49 -46.85 -16.98
C GLY B 310 -13.09 -46.62 -17.50
N GLY B 311 -12.92 -45.55 -18.28
CA GLY B 311 -11.63 -45.24 -18.93
C GLY B 311 -10.63 -44.55 -18.04
N VAL B 312 -9.54 -44.10 -18.66
CA VAL B 312 -8.41 -43.60 -17.92
C VAL B 312 -8.12 -42.16 -18.32
N ILE B 313 -8.13 -41.26 -17.37
CA ILE B 313 -7.76 -39.86 -17.65
C ILE B 313 -6.36 -39.71 -17.10
N ILE B 314 -5.42 -39.33 -17.96
CA ILE B 314 -4.07 -38.95 -17.47
C ILE B 314 -4.02 -37.43 -17.47
N ILE B 315 -3.67 -36.82 -16.36
CA ILE B 315 -3.52 -35.34 -16.32
C ILE B 315 -2.12 -34.96 -15.81
N ALA B 316 -1.44 -34.12 -16.58
CA ALA B 316 -0.19 -33.52 -16.18
C ALA B 316 -0.50 -32.33 -15.30
N ALA B 317 -0.04 -32.32 -14.05
CA ALA B 317 -0.16 -31.17 -13.18
C ALA B 317 0.92 -31.21 -12.09
N GLU B 318 1.81 -30.22 -12.12
CA GLU B 318 3.02 -30.22 -11.28
C GLU B 318 2.69 -30.35 -9.83
N CYS B 319 1.75 -29.49 -9.38
CA CYS B 319 1.23 -29.50 -8.02
C CYS B 319 2.32 -29.26 -6.94
N ALA B 320 3.17 -28.25 -7.17
CA ALA B 320 4.32 -27.95 -6.31
C ALA B 320 3.91 -27.67 -4.87
N ASP B 321 2.73 -27.04 -4.69
CA ASP B 321 2.24 -26.70 -3.38
C ASP B 321 1.48 -27.83 -2.71
N GLY B 322 1.42 -28.98 -3.38
CA GLY B 322 0.85 -30.16 -2.75
C GLY B 322 -0.64 -30.32 -3.04
N HIS B 323 -1.43 -30.68 -2.03
CA HIS B 323 -2.82 -31.06 -2.27
C HIS B 323 -3.77 -29.87 -2.52
N GLY B 324 -3.46 -28.72 -1.92
CA GLY B 324 -4.22 -27.49 -2.14
C GLY B 324 -5.27 -27.22 -1.08
N GLY B 325 -5.33 -28.08 -0.07
CA GLY B 325 -6.31 -27.92 0.99
C GLY B 325 -6.41 -29.07 1.95
N GLU B 326 -6.10 -28.80 3.21
CA GLU B 326 -6.25 -29.82 4.27
C GLU B 326 -7.72 -30.32 4.32
N GLY B 327 -8.69 -29.41 4.33
CA GLY B 327 -10.11 -29.80 4.22
C GLY B 327 -10.39 -30.80 3.11
N PHE B 328 -9.97 -30.43 1.90
CA PHE B 328 -10.17 -31.20 0.67
C PHE B 328 -9.46 -32.58 0.72
N TYR B 329 -8.23 -32.60 1.19
CA TYR B 329 -7.45 -33.82 1.42
C TYR B 329 -8.11 -34.80 2.42
N ARG B 330 -8.55 -34.24 3.54
CA ARG B 330 -9.13 -35.04 4.64
C ARG B 330 -10.39 -35.81 4.21
N TRP B 331 -11.14 -35.23 3.26
CA TRP B 331 -12.33 -35.91 2.70
C TRP B 331 -11.96 -37.29 2.25
N PHE B 332 -10.82 -37.39 1.56
CA PHE B 332 -10.39 -38.65 0.98
C PHE B 332 -9.65 -39.57 1.99
N LYS B 333 -8.83 -38.97 2.85
CA LYS B 333 -7.97 -39.72 3.75
C LYS B 333 -8.84 -40.34 4.87
N GLU B 334 -9.93 -39.66 5.24
CA GLU B 334 -10.90 -40.14 6.22
C GLU B 334 -12.08 -40.97 5.66
N SER B 335 -11.94 -41.48 4.42
CA SER B 335 -12.98 -42.25 3.68
C SER B 335 -12.41 -43.51 3.04
N LYS B 336 -13.27 -44.45 2.71
CA LYS B 336 -12.86 -45.79 2.23
C LYS B 336 -12.51 -45.79 0.76
N ASP B 337 -13.28 -45.02 -0.02
CA ASP B 337 -13.13 -44.98 -1.46
C ASP B 337 -13.90 -43.76 -2.03
N PRO B 338 -13.79 -43.51 -3.35
CA PRO B 338 -14.51 -42.36 -3.89
C PRO B 338 -16.01 -42.37 -3.59
N GLN B 339 -16.66 -43.54 -3.56
CA GLN B 339 -18.08 -43.54 -3.38
C GLN B 339 -18.44 -43.13 -1.99
N ASP B 340 -17.61 -43.54 -1.03
CA ASP B 340 -17.82 -43.18 0.34
C ASP B 340 -17.72 -41.67 0.59
N VAL B 341 -16.74 -41.03 -0.03
CA VAL B 341 -16.62 -39.56 -0.01
C VAL B 341 -17.90 -38.95 -0.53
N MET B 342 -18.36 -39.44 -1.66
CA MET B 342 -19.54 -38.92 -2.32
C MET B 342 -20.76 -39.07 -1.40
N ASN B 343 -20.90 -40.26 -0.81
CA ASN B 343 -22.03 -40.56 0.08
C ASN B 343 -22.05 -39.56 1.26
N LYS B 344 -20.90 -39.33 1.90
CA LYS B 344 -20.80 -38.34 2.96
C LYS B 344 -21.15 -36.96 2.41
N ILE B 345 -20.58 -36.58 1.25
CA ILE B 345 -20.89 -35.23 0.78
C ILE B 345 -22.38 -34.99 0.48
N LEU B 346 -22.99 -35.93 -0.23
CA LEU B 346 -24.39 -35.82 -0.62
C LEU B 346 -25.36 -35.98 0.53
N SER B 347 -24.88 -36.49 1.66
CA SER B 347 -25.64 -36.45 2.91
C SER B 347 -25.84 -35.03 3.48
N ARG B 348 -25.00 -34.06 3.08
CA ARG B 348 -25.02 -32.71 3.65
C ARG B 348 -25.94 -31.75 2.96
N GLY B 349 -26.78 -31.09 3.74
CA GLY B 349 -27.82 -30.22 3.20
C GLY B 349 -27.26 -28.87 2.83
N ARG B 350 -28.15 -27.98 2.42
CA ARG B 350 -27.78 -26.72 1.79
C ARG B 350 -26.96 -25.83 2.74
N ASP B 351 -27.29 -25.89 4.04
CA ASP B 351 -26.58 -25.09 5.07
C ASP B 351 -25.41 -25.78 5.74
N GLU B 352 -24.97 -26.92 5.23
CA GLU B 352 -23.96 -27.70 5.92
C GLU B 352 -22.71 -27.90 5.10
N THR B 353 -22.52 -27.06 4.08
CA THR B 353 -21.37 -27.19 3.21
C THR B 353 -20.12 -26.81 4.03
N LEU B 354 -19.15 -27.71 4.02
CA LEU B 354 -17.87 -27.50 4.66
C LEU B 354 -16.91 -26.87 3.66
N PRO B 355 -15.91 -26.15 4.19
CA PRO B 355 -14.89 -25.59 3.31
C PRO B 355 -14.26 -26.61 2.41
N ASP B 356 -14.13 -26.25 1.14
CA ASP B 356 -13.61 -27.10 0.08
C ASP B 356 -14.36 -28.37 -0.33
N GLN B 357 -15.49 -28.62 0.30
CA GLN B 357 -16.35 -29.79 0.00
C GLN B 357 -16.59 -30.00 -1.49
N TRP B 358 -16.79 -28.90 -2.22
CA TRP B 358 -17.28 -29.00 -3.59
C TRP B 358 -16.19 -29.55 -4.48
N GLU B 359 -14.93 -29.27 -4.14
CA GLU B 359 -13.83 -29.73 -4.96
C GLU B 359 -13.67 -31.23 -4.82
N ALA B 360 -13.80 -31.68 -3.58
CA ALA B 360 -13.80 -33.10 -3.21
C ALA B 360 -14.93 -33.85 -3.94
N GLN B 361 -16.11 -33.22 -3.95
CA GLN B 361 -17.32 -33.80 -4.59
C GLN B 361 -17.08 -34.07 -6.07
N ILE B 362 -16.55 -33.07 -6.76
CA ILE B 362 -16.32 -33.15 -8.16
C ILE B 362 -15.25 -34.20 -8.48
N LEU B 363 -14.18 -34.23 -7.67
CA LEU B 363 -13.17 -35.23 -7.86
C LEU B 363 -13.74 -36.63 -7.61
N ALA B 364 -14.55 -36.77 -6.57
CA ALA B 364 -15.16 -38.06 -6.26
C ALA B 364 -16.08 -38.47 -7.43
N ARG B 365 -16.78 -37.52 -8.03
CA ARG B 365 -17.64 -37.88 -9.17
C ARG B 365 -16.83 -38.51 -10.30
N ILE B 366 -15.65 -37.95 -10.55
CA ILE B 366 -14.81 -38.43 -11.61
C ILE B 366 -14.27 -39.86 -11.33
N LEU B 367 -13.68 -39.98 -10.16
CA LEU B 367 -13.03 -41.19 -9.66
C LEU B 367 -14.02 -42.35 -9.49
N ILE B 368 -15.30 -42.06 -9.31
CA ILE B 368 -16.31 -43.11 -9.31
C ILE B 368 -16.41 -43.81 -10.66
N ASN B 369 -16.29 -43.09 -11.79
CA ASN B 369 -16.44 -43.71 -13.11
C ASN B 369 -15.21 -43.66 -14.02
N HIS B 370 -14.07 -43.27 -13.47
CA HIS B 370 -12.84 -43.22 -14.25
C HIS B 370 -11.65 -43.41 -13.34
N LYS B 371 -10.57 -43.92 -13.90
CA LYS B 371 -9.29 -43.97 -13.20
C LYS B 371 -8.53 -42.72 -13.61
N VAL B 372 -7.91 -42.02 -12.65
CA VAL B 372 -7.09 -40.85 -12.96
C VAL B 372 -5.62 -41.15 -12.61
N ILE B 373 -4.74 -40.90 -13.58
CA ILE B 373 -3.28 -40.91 -13.37
C ILE B 373 -2.79 -39.46 -13.39
N MET B 374 -2.09 -39.02 -12.35
CA MET B 374 -1.50 -37.67 -12.30
C MET B 374 0.01 -37.72 -12.50
N VAL B 375 0.47 -37.13 -13.58
CA VAL B 375 1.91 -36.82 -13.77
C VAL B 375 2.18 -35.57 -12.95
N THR B 376 2.94 -35.75 -11.87
CA THR B 376 3.06 -34.70 -10.89
C THR B 376 4.43 -34.82 -10.23
N ASP B 377 4.70 -33.89 -9.32
CA ASP B 377 5.98 -33.84 -8.64
C ASP B 377 6.09 -35.03 -7.69
N SER B 378 7.29 -35.54 -7.48
CA SER B 378 7.49 -36.76 -6.70
C SER B 378 7.06 -36.57 -5.26
N LYS B 379 7.17 -35.34 -4.74
CA LYS B 379 6.69 -35.01 -3.40
C LYS B 379 5.16 -35.17 -3.21
N ASN B 380 4.42 -35.34 -4.30
CA ASN B 380 2.95 -35.44 -4.23
C ASN B 380 2.42 -36.86 -4.27
N TYR B 381 3.30 -37.83 -4.47
CA TYR B 381 2.85 -39.20 -4.72
C TYR B 381 1.94 -39.76 -3.63
N GLU B 382 2.33 -39.59 -2.36
CA GLU B 382 1.52 -40.13 -1.27
C GLU B 382 0.13 -39.47 -1.25
N TYR B 383 0.09 -38.14 -1.38
CA TYR B 383 -1.19 -37.43 -1.50
C TYR B 383 -2.02 -37.99 -2.64
N VAL B 384 -1.41 -38.30 -3.79
CA VAL B 384 -2.15 -38.77 -4.97
C VAL B 384 -2.75 -40.17 -4.74
N LYS B 385 -1.96 -41.04 -4.12
CA LYS B 385 -2.43 -42.37 -3.72
C LYS B 385 -3.45 -42.28 -2.58
N ASP B 386 -3.25 -41.41 -1.59
CA ASP B 386 -4.26 -41.28 -0.54
C ASP B 386 -5.64 -40.82 -1.12
N MET B 387 -5.62 -40.24 -2.33
CA MET B 387 -6.84 -39.69 -2.95
C MET B 387 -7.38 -40.56 -4.06
N PHE B 388 -6.92 -41.83 -4.06
CA PHE B 388 -7.43 -42.93 -4.91
C PHE B 388 -7.09 -42.78 -6.36
N MET B 389 -5.95 -42.15 -6.62
CA MET B 389 -5.41 -41.96 -7.95
C MET B 389 -4.02 -42.53 -7.98
N THR B 390 -3.49 -42.63 -9.19
CA THR B 390 -2.21 -43.26 -9.46
C THR B 390 -1.19 -42.24 -9.95
N PRO B 391 -0.14 -42.00 -9.14
CA PRO B 391 0.90 -41.09 -9.60
C PRO B 391 1.77 -41.70 -10.68
N ALA B 392 2.36 -40.87 -11.55
CA ALA B 392 3.28 -41.29 -12.60
C ALA B 392 4.36 -40.20 -12.77
N LYS B 393 5.48 -40.53 -13.42
CA LYS B 393 6.68 -39.62 -13.46
C LYS B 393 6.71 -38.70 -14.65
N ASP B 394 6.31 -39.24 -15.77
CA ASP B 394 6.25 -38.56 -17.05
C ASP B 394 5.11 -39.25 -17.79
N LEU B 395 4.76 -38.75 -18.97
CA LEU B 395 3.62 -39.29 -19.70
C LEU B 395 3.84 -40.71 -20.19
N GLY B 396 5.07 -41.02 -20.64
CA GLY B 396 5.38 -42.37 -21.10
C GLY B 396 4.99 -43.42 -20.09
N GLU B 397 5.38 -43.17 -18.84
CA GLU B 397 4.97 -43.92 -17.66
C GLU B 397 3.41 -44.03 -17.52
N ALA B 398 2.76 -42.88 -17.39
CA ALA B 398 1.29 -42.78 -17.39
C ALA B 398 0.65 -43.64 -18.47
N LEU B 399 1.07 -43.48 -19.72
CA LEU B 399 0.46 -44.24 -20.81
C LEU B 399 0.59 -45.76 -20.57
N LYS B 400 1.75 -46.17 -20.07
CA LYS B 400 2.00 -47.58 -19.81
C LYS B 400 1.04 -48.07 -18.74
N ILE B 401 0.86 -47.29 -17.68
CA ILE B 401 -0.11 -47.62 -16.63
C ILE B 401 -1.54 -47.65 -17.20
N ALA B 402 -1.89 -46.66 -18.03
CA ALA B 402 -3.24 -46.57 -18.59
C ALA B 402 -3.53 -47.72 -19.59
N GLU B 403 -2.52 -48.16 -20.32
CA GLU B 403 -2.67 -49.38 -21.14
C GLU B 403 -2.76 -50.66 -20.30
N SER B 404 -2.20 -50.66 -19.10
CA SER B 404 -2.35 -51.81 -18.20
C SER B 404 -3.81 -51.96 -17.77
N ILE B 405 -4.47 -50.83 -17.50
CA ILE B 405 -5.87 -50.81 -17.04
C ILE B 405 -6.88 -51.13 -18.15
N VAL B 406 -6.70 -50.56 -19.33
CA VAL B 406 -7.59 -50.81 -20.48
C VAL B 406 -6.87 -51.74 -21.46
N ASN B 407 -6.99 -51.51 -22.76
CA ASN B 407 -6.19 -52.25 -23.75
C ASN B 407 -4.81 -51.61 -24.03
N ASN B 408 -3.94 -52.39 -24.66
CA ASN B 408 -2.69 -51.85 -25.26
C ASN B 408 -2.96 -51.16 -26.61
N ASP B 409 -4.12 -51.38 -27.21
CA ASP B 409 -4.49 -50.82 -28.53
C ASP B 409 -5.51 -49.67 -28.41
N SER B 410 -5.71 -49.18 -27.20
CA SER B 410 -6.83 -48.26 -26.94
C SER B 410 -6.61 -46.86 -27.46
N LYS B 411 -7.70 -46.26 -27.90
CA LYS B 411 -7.72 -44.92 -28.50
C LYS B 411 -7.59 -43.83 -27.44
N ILE B 412 -6.94 -42.72 -27.80
CA ILE B 412 -6.60 -41.64 -26.87
C ILE B 412 -7.18 -40.33 -27.39
N ASN B 413 -7.86 -39.57 -26.55
CA ASN B 413 -8.14 -38.16 -26.86
C ASN B 413 -7.09 -37.31 -26.20
N VAL B 414 -6.45 -36.40 -26.92
CA VAL B 414 -5.50 -35.48 -26.35
C VAL B 414 -6.13 -34.08 -26.26
N ILE B 415 -6.10 -33.55 -25.05
CA ILE B 415 -6.59 -32.19 -24.72
C ILE B 415 -5.43 -31.44 -24.08
N PRO B 416 -4.63 -30.74 -24.90
CA PRO B 416 -3.40 -30.24 -24.30
C PRO B 416 -3.63 -29.30 -23.09
N ASP B 417 -4.64 -28.42 -23.18
CA ASP B 417 -4.99 -27.56 -22.07
C ASP B 417 -6.40 -27.82 -21.59
N GLY B 418 -6.50 -28.57 -20.50
CA GLY B 418 -7.78 -29.03 -19.98
C GLY B 418 -8.65 -27.98 -19.38
N VAL B 419 -8.05 -26.83 -18.98
CA VAL B 419 -8.84 -25.72 -18.38
C VAL B 419 -9.31 -24.65 -19.34
N SER B 420 -8.87 -24.68 -20.60
CA SER B 420 -9.30 -23.66 -21.58
C SER B 420 -10.45 -24.13 -22.48
N VAL B 421 -10.93 -25.35 -22.30
CA VAL B 421 -11.90 -25.89 -23.25
C VAL B 421 -13.24 -26.21 -22.61
N ILE B 422 -14.24 -26.26 -23.45
CA ILE B 422 -15.54 -26.80 -23.13
C ILE B 422 -15.70 -28.06 -23.95
N VAL B 423 -15.67 -29.21 -23.30
CA VAL B 423 -15.76 -30.49 -24.03
C VAL B 423 -17.22 -30.89 -24.28
N ARG B 424 -17.60 -30.92 -25.55
CA ARG B 424 -18.94 -31.31 -26.00
C ARG B 424 -18.87 -32.64 -26.71
N GLU B 425 -19.96 -33.40 -26.66
CA GLU B 425 -20.03 -34.79 -27.15
C GLU B 425 -19.71 -35.06 -28.63
#